data_5FGM
# 
_entry.id   5FGM 
# 
_audit_conform.dict_name       mmcif_pdbx.dic 
_audit_conform.dict_version    5.398 
_audit_conform.dict_location   http://mmcif.pdb.org/dictionaries/ascii/mmcif_pdbx.dic 
# 
loop_
_database_2.database_id 
_database_2.database_code 
_database_2.pdbx_database_accession 
_database_2.pdbx_DOI 
PDB   5FGM         pdb_00005fgm 10.2210/pdb5fgm/pdb 
WWPDB D_1000216559 ?            ?                   
# 
loop_
_pdbx_audit_revision_history.ordinal 
_pdbx_audit_revision_history.data_content_type 
_pdbx_audit_revision_history.major_revision 
_pdbx_audit_revision_history.minor_revision 
_pdbx_audit_revision_history.revision_date 
1 'Structure model' 1 0 2016-03-02 
2 'Structure model' 1 1 2024-11-06 
# 
_pdbx_audit_revision_details.ordinal             1 
_pdbx_audit_revision_details.revision_ordinal    1 
_pdbx_audit_revision_details.data_content_type   'Structure model' 
_pdbx_audit_revision_details.provider            repository 
_pdbx_audit_revision_details.type                'Initial release' 
_pdbx_audit_revision_details.description         ? 
_pdbx_audit_revision_details.details             ? 
# 
loop_
_pdbx_audit_revision_group.ordinal 
_pdbx_audit_revision_group.revision_ordinal 
_pdbx_audit_revision_group.data_content_type 
_pdbx_audit_revision_group.group 
1 2 'Structure model' 'Data collection'      
2 2 'Structure model' 'Database references'  
3 2 'Structure model' 'Derived calculations' 
4 2 'Structure model' 'Structure summary'    
# 
loop_
_pdbx_audit_revision_category.ordinal 
_pdbx_audit_revision_category.revision_ordinal 
_pdbx_audit_revision_category.data_content_type 
_pdbx_audit_revision_category.category 
1 2 'Structure model' chem_comp_atom            
2 2 'Structure model' chem_comp_bond            
3 2 'Structure model' database_2                
4 2 'Structure model' pdbx_entry_details        
5 2 'Structure model' pdbx_modification_feature 
6 2 'Structure model' pdbx_struct_oper_list     
# 
loop_
_pdbx_audit_revision_item.ordinal 
_pdbx_audit_revision_item.revision_ordinal 
_pdbx_audit_revision_item.data_content_type 
_pdbx_audit_revision_item.item 
1 2 'Structure model' '_database_2.pdbx_DOI'                      
2 2 'Structure model' '_database_2.pdbx_database_accession'       
3 2 'Structure model' '_pdbx_struct_oper_list.symmetry_operation' 
# 
_pdbx_database_status.status_code                     REL 
_pdbx_database_status.status_code_sf                  REL 
_pdbx_database_status.status_code_mr                  ? 
_pdbx_database_status.entry_id                        5FGM 
_pdbx_database_status.recvd_initial_deposition_date   2015-12-21 
_pdbx_database_status.SG_entry                        N 
_pdbx_database_status.deposit_site                    RCSB 
_pdbx_database_status.process_site                    PDBJ 
_pdbx_database_status.status_code_cs                  ? 
_pdbx_database_status.methods_development_category    ? 
_pdbx_database_status.pdb_format_compatible           Y 
_pdbx_database_status.status_code_nmr_data            ? 
# 
_audit_author.name           'Park, S.Y.' 
_audit_author.pdbx_ordinal   1 
# 
_citation.abstract                  ? 
_citation.abstract_id_CAS           ? 
_citation.book_id_ISBN              ? 
_citation.book_publisher            ? 
_citation.book_publisher_city       ? 
_citation.book_title                ? 
_citation.coordinate_linkage        ? 
_citation.country                   US 
_citation.database_id_Medline       ? 
_citation.details                   ? 
_citation.id                        primary 
_citation.journal_abbrev            Biochem.Biophys.Res.Commun. 
_citation.journal_id_ASTM           BBRCA9 
_citation.journal_id_CSD            0146 
_citation.journal_id_ISSN           1090-2104 
_citation.journal_full              ? 
_citation.journal_issue             ? 
_citation.journal_volume            470 
_citation.language                  ? 
_citation.page_first                257 
_citation.page_last                 262 
_citation.title                     
;In Streptomyces coelicolor SigR, methionine at the -35 element interacting region 4 confers the -31'-adenine base selectivity
;
_citation.year                      2016 
_citation.database_id_CSD           ? 
_citation.pdbx_database_id_DOI      10.1016/j.bbrc.2016.01.075 
_citation.pdbx_database_id_PubMed   26775842 
_citation.unpublished_flag          ? 
# 
loop_
_citation_author.citation_id 
_citation_author.name 
_citation_author.ordinal 
_citation_author.identifier_ORCID 
primary 'Kim, K.Y.'  1 ? 
primary 'Park, J.K.' 2 ? 
primary 'Park, S.Y.' 3 ? 
# 
loop_
_entity.id 
_entity.type 
_entity.src_method 
_entity.pdbx_description 
_entity.formula_weight 
_entity.pdbx_number_of_molecules 
_entity.pdbx_ec 
_entity.pdbx_mutation 
_entity.pdbx_fragment 
_entity.details 
1 polymer man 'ECF RNA polymerase sigma factor SigR' 7990.549 1  ? ? 'UNP residues 143-207' ? 
2 water   nat water                                  18.015   11 ? ? ?                      ? 
# 
_entity_name_com.entity_id   1 
_entity_name_com.name        
'ECF sigma factor SigR,Alternative RNA polymerase sigma factor SigR,RNA polymerase sigma-R factor,Sigma-R factor' 
# 
_entity_poly.entity_id                      1 
_entity_poly.type                           'polypeptide(L)' 
_entity_poly.nstd_linkage                   no 
_entity_poly.nstd_monomer                   yes 
_entity_poly.pdbx_seq_one_letter_code       
;GSH(MSE)LPDSDVKQALQAIPEEFRIAVYLADVEGFAYKEIADI(MSE)GTPIGTV(MSE)SRLHRGRRQLRG(MSE)L
EDYAR
;
_entity_poly.pdbx_seq_one_letter_code_can   GSHMLPDSDVKQALQAIPEEFRIAVYLADVEGFAYKEIADIMGTPIGTVMSRLHRGRRQLRGMLEDYAR 
_entity_poly.pdbx_strand_id                 A 
_entity_poly.pdbx_target_identifier         ? 
# 
_pdbx_entity_nonpoly.entity_id   2 
_pdbx_entity_nonpoly.name        water 
_pdbx_entity_nonpoly.comp_id     HOH 
# 
loop_
_entity_poly_seq.entity_id 
_entity_poly_seq.num 
_entity_poly_seq.mon_id 
_entity_poly_seq.hetero 
1 1  GLY n 
1 2  SER n 
1 3  HIS n 
1 4  MSE n 
1 5  LEU n 
1 6  PRO n 
1 7  ASP n 
1 8  SER n 
1 9  ASP n 
1 10 VAL n 
1 11 LYS n 
1 12 GLN n 
1 13 ALA n 
1 14 LEU n 
1 15 GLN n 
1 16 ALA n 
1 17 ILE n 
1 18 PRO n 
1 19 GLU n 
1 20 GLU n 
1 21 PHE n 
1 22 ARG n 
1 23 ILE n 
1 24 ALA n 
1 25 VAL n 
1 26 TYR n 
1 27 LEU n 
1 28 ALA n 
1 29 ASP n 
1 30 VAL n 
1 31 GLU n 
1 32 GLY n 
1 33 PHE n 
1 34 ALA n 
1 35 TYR n 
1 36 LYS n 
1 37 GLU n 
1 38 ILE n 
1 39 ALA n 
1 40 ASP n 
1 41 ILE n 
1 42 MSE n 
1 43 GLY n 
1 44 THR n 
1 45 PRO n 
1 46 ILE n 
1 47 GLY n 
1 48 THR n 
1 49 VAL n 
1 50 MSE n 
1 51 SER n 
1 52 ARG n 
1 53 LEU n 
1 54 HIS n 
1 55 ARG n 
1 56 GLY n 
1 57 ARG n 
1 58 ARG n 
1 59 GLN n 
1 60 LEU n 
1 61 ARG n 
1 62 GLY n 
1 63 MSE n 
1 64 LEU n 
1 65 GLU n 
1 66 ASP n 
1 67 TYR n 
1 68 ALA n 
1 69 ARG n 
# 
_entity_src_gen.entity_id                          1 
_entity_src_gen.pdbx_src_id                        1 
_entity_src_gen.pdbx_alt_source_flag               sample 
_entity_src_gen.pdbx_seq_type                      'Biological sequence' 
_entity_src_gen.pdbx_beg_seq_num                   1 
_entity_src_gen.pdbx_end_seq_num                   69 
_entity_src_gen.gene_src_common_name               ? 
_entity_src_gen.gene_src_genus                     ? 
_entity_src_gen.pdbx_gene_src_gene                 'sigR, SCO5216' 
_entity_src_gen.gene_src_species                   ? 
_entity_src_gen.gene_src_strain                    'ATCC BAA-471 / A3(2) / M145' 
_entity_src_gen.gene_src_tissue                    ? 
_entity_src_gen.gene_src_tissue_fraction           ? 
_entity_src_gen.gene_src_details                   ? 
_entity_src_gen.pdbx_gene_src_fragment             ? 
_entity_src_gen.pdbx_gene_src_scientific_name      'Streptomyces coelicolor' 
_entity_src_gen.pdbx_gene_src_ncbi_taxonomy_id     100226 
_entity_src_gen.pdbx_gene_src_variant              ? 
_entity_src_gen.pdbx_gene_src_cell_line            ? 
_entity_src_gen.pdbx_gene_src_atcc                 ? 
_entity_src_gen.pdbx_gene_src_organ                ? 
_entity_src_gen.pdbx_gene_src_organelle            ? 
_entity_src_gen.pdbx_gene_src_cell                 ? 
_entity_src_gen.pdbx_gene_src_cellular_location    ? 
_entity_src_gen.host_org_common_name               ? 
_entity_src_gen.pdbx_host_org_scientific_name      'Escherichia coli' 
_entity_src_gen.pdbx_host_org_ncbi_taxonomy_id     562 
_entity_src_gen.host_org_genus                     ? 
_entity_src_gen.pdbx_host_org_gene                 ? 
_entity_src_gen.pdbx_host_org_organ                ? 
_entity_src_gen.host_org_species                   ? 
_entity_src_gen.pdbx_host_org_tissue               ? 
_entity_src_gen.pdbx_host_org_tissue_fraction      ? 
_entity_src_gen.pdbx_host_org_strain               ? 
_entity_src_gen.pdbx_host_org_variant              ? 
_entity_src_gen.pdbx_host_org_cell_line            ? 
_entity_src_gen.pdbx_host_org_atcc                 ? 
_entity_src_gen.pdbx_host_org_culture_collection   ? 
_entity_src_gen.pdbx_host_org_cell                 ? 
_entity_src_gen.pdbx_host_org_organelle            ? 
_entity_src_gen.pdbx_host_org_cellular_location    ? 
_entity_src_gen.pdbx_host_org_vector_type          ? 
_entity_src_gen.pdbx_host_org_vector               ? 
_entity_src_gen.host_org_details                   ? 
_entity_src_gen.expression_system_id               ? 
_entity_src_gen.plasmid_name                       ? 
_entity_src_gen.plasmid_details                    ? 
_entity_src_gen.pdbx_description                   ? 
# 
loop_
_chem_comp.id 
_chem_comp.type 
_chem_comp.mon_nstd_flag 
_chem_comp.name 
_chem_comp.pdbx_synonyms 
_chem_comp.formula 
_chem_comp.formula_weight 
ALA 'L-peptide linking' y ALANINE          ? 'C3 H7 N O2'     89.093  
ARG 'L-peptide linking' y ARGININE         ? 'C6 H15 N4 O2 1' 175.209 
ASP 'L-peptide linking' y 'ASPARTIC ACID'  ? 'C4 H7 N O4'     133.103 
GLN 'L-peptide linking' y GLUTAMINE        ? 'C5 H10 N2 O3'   146.144 
GLU 'L-peptide linking' y 'GLUTAMIC ACID'  ? 'C5 H9 N O4'     147.129 
GLY 'peptide linking'   y GLYCINE          ? 'C2 H5 N O2'     75.067  
HIS 'L-peptide linking' y HISTIDINE        ? 'C6 H10 N3 O2 1' 156.162 
HOH non-polymer         . WATER            ? 'H2 O'           18.015  
ILE 'L-peptide linking' y ISOLEUCINE       ? 'C6 H13 N O2'    131.173 
LEU 'L-peptide linking' y LEUCINE          ? 'C6 H13 N O2'    131.173 
LYS 'L-peptide linking' y LYSINE           ? 'C6 H15 N2 O2 1' 147.195 
MSE 'L-peptide linking' n SELENOMETHIONINE ? 'C5 H11 N O2 Se' 196.106 
PHE 'L-peptide linking' y PHENYLALANINE    ? 'C9 H11 N O2'    165.189 
PRO 'L-peptide linking' y PROLINE          ? 'C5 H9 N O2'     115.130 
SER 'L-peptide linking' y SERINE           ? 'C3 H7 N O3'     105.093 
THR 'L-peptide linking' y THREONINE        ? 'C4 H9 N O3'     119.119 
TYR 'L-peptide linking' y TYROSINE         ? 'C9 H11 N O3'    181.189 
VAL 'L-peptide linking' y VALINE           ? 'C5 H11 N O2'    117.146 
# 
loop_
_pdbx_poly_seq_scheme.asym_id 
_pdbx_poly_seq_scheme.entity_id 
_pdbx_poly_seq_scheme.seq_id 
_pdbx_poly_seq_scheme.mon_id 
_pdbx_poly_seq_scheme.ndb_seq_num 
_pdbx_poly_seq_scheme.pdb_seq_num 
_pdbx_poly_seq_scheme.auth_seq_num 
_pdbx_poly_seq_scheme.pdb_mon_id 
_pdbx_poly_seq_scheme.auth_mon_id 
_pdbx_poly_seq_scheme.pdb_strand_id 
_pdbx_poly_seq_scheme.pdb_ins_code 
_pdbx_poly_seq_scheme.hetero 
A 1 1  GLY 1  139 ?   ?   ?   A . n 
A 1 2  SER 2  140 ?   ?   ?   A . n 
A 1 3  HIS 3  141 ?   ?   ?   A . n 
A 1 4  MSE 4  142 ?   ?   ?   A . n 
A 1 5  LEU 5  143 143 LEU LEU A . n 
A 1 6  PRO 6  144 144 PRO PRO A . n 
A 1 7  ASP 7  145 145 ASP ASP A . n 
A 1 8  SER 8  146 146 SER SER A . n 
A 1 9  ASP 9  147 147 ASP ASP A . n 
A 1 10 VAL 10 148 148 VAL VAL A . n 
A 1 11 LYS 11 149 149 LYS LYS A . n 
A 1 12 GLN 12 150 150 GLN GLN A . n 
A 1 13 ALA 13 151 151 ALA ALA A . n 
A 1 14 LEU 14 152 152 LEU LEU A . n 
A 1 15 GLN 15 153 153 GLN GLN A . n 
A 1 16 ALA 16 154 154 ALA ALA A . n 
A 1 17 ILE 17 155 155 ILE ILE A . n 
A 1 18 PRO 18 156 156 PRO PRO A . n 
A 1 19 GLU 19 157 157 GLU GLU A . n 
A 1 20 GLU 20 158 158 GLU GLU A . n 
A 1 21 PHE 21 159 159 PHE PHE A . n 
A 1 22 ARG 22 160 160 ARG ARG A . n 
A 1 23 ILE 23 161 161 ILE ILE A . n 
A 1 24 ALA 24 162 162 ALA ALA A . n 
A 1 25 VAL 25 163 163 VAL VAL A . n 
A 1 26 TYR 26 164 164 TYR TYR A . n 
A 1 27 LEU 27 165 165 LEU LEU A . n 
A 1 28 ALA 28 166 166 ALA ALA A . n 
A 1 29 ASP 29 167 167 ASP ASP A . n 
A 1 30 VAL 30 168 168 VAL VAL A . n 
A 1 31 GLU 31 169 169 GLU GLU A . n 
A 1 32 GLY 32 170 170 GLY GLY A . n 
A 1 33 PHE 33 171 171 PHE PHE A . n 
A 1 34 ALA 34 172 172 ALA ALA A . n 
A 1 35 TYR 35 173 173 TYR TYR A . n 
A 1 36 LYS 36 174 174 LYS LYS A . n 
A 1 37 GLU 37 175 175 GLU GLU A . n 
A 1 38 ILE 38 176 176 ILE ILE A . n 
A 1 39 ALA 39 177 177 ALA ALA A . n 
A 1 40 ASP 40 178 178 ASP ASP A . n 
A 1 41 ILE 41 179 179 ILE ILE A . n 
A 1 42 MSE 42 180 180 MSE MSE A . n 
A 1 43 GLY 43 181 181 GLY GLY A . n 
A 1 44 THR 44 182 182 THR THR A . n 
A 1 45 PRO 45 183 183 PRO PRO A . n 
A 1 46 ILE 46 184 184 ILE ILE A . n 
A 1 47 GLY 47 185 185 GLY GLY A . n 
A 1 48 THR 48 186 186 THR THR A . n 
A 1 49 VAL 49 187 187 VAL VAL A . n 
A 1 50 MSE 50 188 188 MSE MSE A . n 
A 1 51 SER 51 189 189 SER SER A . n 
A 1 52 ARG 52 190 190 ARG ARG A . n 
A 1 53 LEU 53 191 191 LEU LEU A . n 
A 1 54 HIS 54 192 192 HIS HIS A . n 
A 1 55 ARG 55 193 193 ARG ARG A . n 
A 1 56 GLY 56 194 194 GLY GLY A . n 
A 1 57 ARG 57 195 195 ARG ARG A . n 
A 1 58 ARG 58 196 196 ARG ARG A . n 
A 1 59 GLN 59 197 197 GLN GLN A . n 
A 1 60 LEU 60 198 198 LEU LEU A . n 
A 1 61 ARG 61 199 199 ARG ARG A . n 
A 1 62 GLY 62 200 200 GLY GLY A . n 
A 1 63 MSE 63 201 201 MSE MSE A . n 
A 1 64 LEU 64 202 202 LEU LEU A . n 
A 1 65 GLU 65 203 203 GLU GLU A . n 
A 1 66 ASP 66 204 204 ASP ASP A . n 
A 1 67 TYR 67 205 205 TYR TYR A . n 
A 1 68 ALA 68 206 206 ALA ALA A . n 
A 1 69 ARG 69 207 207 ARG ARG A . n 
# 
loop_
_pdbx_nonpoly_scheme.asym_id 
_pdbx_nonpoly_scheme.entity_id 
_pdbx_nonpoly_scheme.mon_id 
_pdbx_nonpoly_scheme.ndb_seq_num 
_pdbx_nonpoly_scheme.pdb_seq_num 
_pdbx_nonpoly_scheme.auth_seq_num 
_pdbx_nonpoly_scheme.pdb_mon_id 
_pdbx_nonpoly_scheme.auth_mon_id 
_pdbx_nonpoly_scheme.pdb_strand_id 
_pdbx_nonpoly_scheme.pdb_ins_code 
B 2 HOH 1  301 6  HOH HOH A . 
B 2 HOH 2  302 8  HOH HOH A . 
B 2 HOH 3  303 2  HOH HOH A . 
B 2 HOH 4  304 11 HOH HOH A . 
B 2 HOH 5  305 9  HOH HOH A . 
B 2 HOH 6  306 3  HOH HOH A . 
B 2 HOH 7  307 4  HOH HOH A . 
B 2 HOH 8  308 1  HOH HOH A . 
B 2 HOH 9  309 10 HOH HOH A . 
B 2 HOH 10 310 5  HOH HOH A . 
B 2 HOH 11 311 7  HOH HOH A . 
# 
loop_
_software.citation_id 
_software.classification 
_software.compiler_name 
_software.compiler_version 
_software.contact_author 
_software.contact_author_email 
_software.date 
_software.description 
_software.dependencies 
_software.hardware 
_software.language 
_software.location 
_software.mods 
_software.name 
_software.os 
_software.os_version 
_software.type 
_software.version 
_software.pdbx_ordinal 
? refinement       ? ? ? ? ? ? ? ? ? ? ? REFMAC   ? ? ? 5.5.0110 1 
? 'data reduction' ? ? ? ? ? ? ? ? ? ? ? HKL-3000 ? ? ? .        2 
? 'data scaling'   ? ? ? ? ? ? ? ? ? ? ? HKL-2000 ? ? ? .        3 
? phasing          ? ? ? ? ? ? ? ? ? ? ? PHENIX   ? ? ? .        4 
# 
_cell.angle_alpha                  90.00 
_cell.angle_alpha_esd              ? 
_cell.angle_beta                   90.00 
_cell.angle_beta_esd               ? 
_cell.angle_gamma                  90.00 
_cell.angle_gamma_esd              ? 
_cell.entry_id                     5FGM 
_cell.details                      ? 
_cell.formula_units_Z              ? 
_cell.length_a                     42.139 
_cell.length_a_esd                 ? 
_cell.length_b                     42.139 
_cell.length_b_esd                 ? 
_cell.length_c                     102.016 
_cell.length_c_esd                 ? 
_cell.volume                       ? 
_cell.volume_esd                   ? 
_cell.Z_PDB                        8 
_cell.reciprocal_angle_alpha       ? 
_cell.reciprocal_angle_beta        ? 
_cell.reciprocal_angle_gamma       ? 
_cell.reciprocal_angle_alpha_esd   ? 
_cell.reciprocal_angle_beta_esd    ? 
_cell.reciprocal_angle_gamma_esd   ? 
_cell.reciprocal_length_a          ? 
_cell.reciprocal_length_b          ? 
_cell.reciprocal_length_c          ? 
_cell.reciprocal_length_a_esd      ? 
_cell.reciprocal_length_b_esd      ? 
_cell.reciprocal_length_c_esd      ? 
_cell.pdbx_unique_axis             ? 
# 
_symmetry.entry_id                         5FGM 
_symmetry.cell_setting                     ? 
_symmetry.Int_Tables_number                96 
_symmetry.space_group_name_Hall            ? 
_symmetry.space_group_name_H-M             'P 43 21 2' 
_symmetry.pdbx_full_space_group_name_H-M   ? 
# 
_exptl.absorpt_coefficient_mu     ? 
_exptl.absorpt_correction_T_max   ? 
_exptl.absorpt_correction_T_min   ? 
_exptl.absorpt_correction_type    ? 
_exptl.absorpt_process_details    ? 
_exptl.entry_id                   5FGM 
_exptl.crystals_number            ? 
_exptl.details                    ? 
_exptl.method                     'X-RAY DIFFRACTION' 
_exptl.method_details             ? 
# 
_exptl_crystal.colour                      ? 
_exptl_crystal.density_diffrn              ? 
_exptl_crystal.density_Matthews            2.83 
_exptl_crystal.density_method              ? 
_exptl_crystal.density_percent_sol         56.60 
_exptl_crystal.description                 'THE ENTRY CONTAINS FRIEDEL PAIRS IN F_PLUS/MINUS COLUMNS.' 
_exptl_crystal.F_000                       ? 
_exptl_crystal.id                          1 
_exptl_crystal.preparation                 ? 
_exptl_crystal.size_max                    ? 
_exptl_crystal.size_mid                    ? 
_exptl_crystal.size_min                    ? 
_exptl_crystal.size_rad                    ? 
_exptl_crystal.colour_lustre               ? 
_exptl_crystal.colour_modifier             ? 
_exptl_crystal.colour_primary              ? 
_exptl_crystal.density_meas                ? 
_exptl_crystal.density_meas_esd            ? 
_exptl_crystal.density_meas_gt             ? 
_exptl_crystal.density_meas_lt             ? 
_exptl_crystal.density_meas_temp           ? 
_exptl_crystal.density_meas_temp_esd       ? 
_exptl_crystal.density_meas_temp_gt        ? 
_exptl_crystal.density_meas_temp_lt        ? 
_exptl_crystal.pdbx_crystal_image_url      ? 
_exptl_crystal.pdbx_crystal_image_format   ? 
_exptl_crystal.pdbx_mosaicity              ? 
_exptl_crystal.pdbx_mosaicity_esd          ? 
# 
_exptl_crystal_grow.apparatus       ? 
_exptl_crystal_grow.atmosphere      ? 
_exptl_crystal_grow.crystal_id      1 
_exptl_crystal_grow.details         ? 
_exptl_crystal_grow.method          'VAPOR DIFFUSION, HANGING DROP' 
_exptl_crystal_grow.method_ref      ? 
_exptl_crystal_grow.pH              ? 
_exptl_crystal_grow.pressure        ? 
_exptl_crystal_grow.pressure_esd    ? 
_exptl_crystal_grow.seeding         ? 
_exptl_crystal_grow.seeding_ref     ? 
_exptl_crystal_grow.temp            293 
_exptl_crystal_grow.temp_details    ? 
_exptl_crystal_grow.temp_esd        ? 
_exptl_crystal_grow.time            ? 
_exptl_crystal_grow.pdbx_details    '0.2M lithium sulfate, 0.1M Tris pH 8.5, 20-30%(w/v) PEG3350' 
_exptl_crystal_grow.pdbx_pH_range   ? 
# 
_diffrn.ambient_environment    ? 
_diffrn.ambient_temp           100 
_diffrn.ambient_temp_details   ? 
_diffrn.ambient_temp_esd       ? 
_diffrn.crystal_id             1 
_diffrn.crystal_support        ? 
_diffrn.crystal_treatment      ? 
_diffrn.details                ? 
_diffrn.id                     1 
_diffrn.ambient_pressure       ? 
_diffrn.ambient_pressure_esd   ? 
_diffrn.ambient_pressure_gt    ? 
_diffrn.ambient_pressure_lt    ? 
_diffrn.ambient_temp_gt        ? 
_diffrn.ambient_temp_lt        ? 
# 
_diffrn_detector.details                      ? 
_diffrn_detector.detector                     CCD 
_diffrn_detector.diffrn_id                    1 
_diffrn_detector.type                         'ADSC QUANTUM 315r' 
_diffrn_detector.area_resol_mean              ? 
_diffrn_detector.dtime                        ? 
_diffrn_detector.pdbx_frames_total            ? 
_diffrn_detector.pdbx_collection_time_total   ? 
_diffrn_detector.pdbx_collection_date         2013-12-04 
# 
_diffrn_radiation.collimation                      ? 
_diffrn_radiation.diffrn_id                        1 
_diffrn_radiation.filter_edge                      ? 
_diffrn_radiation.inhomogeneity                    ? 
_diffrn_radiation.monochromator                    ? 
_diffrn_radiation.polarisn_norm                    ? 
_diffrn_radiation.polarisn_ratio                   ? 
_diffrn_radiation.probe                            ? 
_diffrn_radiation.type                             ? 
_diffrn_radiation.xray_symbol                      ? 
_diffrn_radiation.wavelength_id                    1 
_diffrn_radiation.pdbx_monochromatic_or_laue_m_l   M 
_diffrn_radiation.pdbx_wavelength_list             ? 
_diffrn_radiation.pdbx_wavelength                  ? 
_diffrn_radiation.pdbx_diffrn_protocol             'SINGLE WAVELENGTH' 
_diffrn_radiation.pdbx_analyzer                    ? 
_diffrn_radiation.pdbx_scattering_type             x-ray 
# 
_diffrn_radiation_wavelength.id           1 
_diffrn_radiation_wavelength.wavelength   0.979 
_diffrn_radiation_wavelength.wt           1.0 
# 
_diffrn_source.current                     ? 
_diffrn_source.details                     ? 
_diffrn_source.diffrn_id                   1 
_diffrn_source.power                       ? 
_diffrn_source.size                        ? 
_diffrn_source.source                      SYNCHROTRON 
_diffrn_source.target                      ? 
_diffrn_source.type                        'PAL/PLS BEAMLINE 5C (4A)' 
_diffrn_source.voltage                     ? 
_diffrn_source.take-off_angle              ? 
_diffrn_source.pdbx_wavelength_list        0.979 
_diffrn_source.pdbx_wavelength             ? 
_diffrn_source.pdbx_synchrotron_beamline   '5C (4A)' 
_diffrn_source.pdbx_synchrotron_site       PAL/PLS 
# 
_reflns.B_iso_Wilson_estimate            ? 
_reflns.entry_id                         5FGM 
_reflns.data_reduction_details           ? 
_reflns.data_reduction_method            ? 
_reflns.d_resolution_high                2.6 
_reflns.d_resolution_low                 50 
_reflns.details                          ? 
_reflns.limit_h_max                      ? 
_reflns.limit_h_min                      ? 
_reflns.limit_k_max                      ? 
_reflns.limit_k_min                      ? 
_reflns.limit_l_max                      ? 
_reflns.limit_l_min                      ? 
_reflns.number_all                       ? 
_reflns.number_obs                       3011 
_reflns.observed_criterion               ? 
_reflns.observed_criterion_F_max         ? 
_reflns.observed_criterion_F_min         ? 
_reflns.observed_criterion_I_max         ? 
_reflns.observed_criterion_I_min         ? 
_reflns.observed_criterion_sigma_F       ? 
_reflns.observed_criterion_sigma_I       ? 
_reflns.percent_possible_obs             100 
_reflns.R_free_details                   ? 
_reflns.Rmerge_F_all                     ? 
_reflns.Rmerge_F_obs                     ? 
_reflns.Friedel_coverage                 ? 
_reflns.number_gt                        ? 
_reflns.threshold_expression             ? 
_reflns.pdbx_redundancy                  15.1 
_reflns.pdbx_Rmerge_I_obs                0.069 
_reflns.pdbx_Rmerge_I_all                ? 
_reflns.pdbx_Rsym_value                  ? 
_reflns.pdbx_netI_over_av_sigmaI         ? 
_reflns.pdbx_netI_over_sigmaI            55.4 
_reflns.pdbx_res_netI_over_av_sigmaI_2   ? 
_reflns.pdbx_res_netI_over_sigmaI_2      ? 
_reflns.pdbx_chi_squared                 ? 
_reflns.pdbx_scaling_rejects             ? 
_reflns.pdbx_d_res_high_opt              ? 
_reflns.pdbx_d_res_low_opt               ? 
_reflns.pdbx_d_res_opt_method            ? 
_reflns.phase_calculation_details        ? 
_reflns.pdbx_Rrim_I_all                  ? 
_reflns.pdbx_Rpim_I_all                  ? 
_reflns.pdbx_d_opt                       ? 
_reflns.pdbx_number_measured_all         ? 
_reflns.pdbx_diffrn_id                   1 
_reflns.pdbx_ordinal                     1 
_reflns.pdbx_CC_half                     ? 
_reflns.pdbx_R_split                     ? 
# 
_reflns_shell.d_res_high                  2.6 
_reflns_shell.d_res_low                   2.64 
_reflns_shell.meanI_over_sigI_all         ? 
_reflns_shell.meanI_over_sigI_obs         8.8 
_reflns_shell.number_measured_all         ? 
_reflns_shell.number_measured_obs         ? 
_reflns_shell.number_possible             ? 
_reflns_shell.number_unique_all           ? 
_reflns_shell.number_unique_obs           ? 
_reflns_shell.percent_possible_all        100 
_reflns_shell.percent_possible_obs        ? 
_reflns_shell.Rmerge_F_all                ? 
_reflns_shell.Rmerge_F_obs                ? 
_reflns_shell.Rmerge_I_all                ? 
_reflns_shell.Rmerge_I_obs                0.481 
_reflns_shell.meanI_over_sigI_gt          ? 
_reflns_shell.meanI_over_uI_all           ? 
_reflns_shell.meanI_over_uI_gt            ? 
_reflns_shell.number_measured_gt          ? 
_reflns_shell.number_unique_gt            ? 
_reflns_shell.percent_possible_gt         ? 
_reflns_shell.Rmerge_F_gt                 ? 
_reflns_shell.Rmerge_I_gt                 ? 
_reflns_shell.pdbx_redundancy             15 
_reflns_shell.pdbx_Rsym_value             ? 
_reflns_shell.pdbx_chi_squared            ? 
_reflns_shell.pdbx_netI_over_sigmaI_all   ? 
_reflns_shell.pdbx_netI_over_sigmaI_obs   ? 
_reflns_shell.pdbx_Rrim_I_all             ? 
_reflns_shell.pdbx_Rpim_I_all             ? 
_reflns_shell.pdbx_rejects                ? 
_reflns_shell.pdbx_ordinal                1 
_reflns_shell.pdbx_diffrn_id              1 
_reflns_shell.pdbx_CC_half                ? 
_reflns_shell.pdbx_R_split                ? 
# 
_refine.aniso_B[1][1]                            1.87 
_refine.aniso_B[1][2]                            0.00 
_refine.aniso_B[1][3]                            0.00 
_refine.aniso_B[2][2]                            1.87 
_refine.aniso_B[2][3]                            0.00 
_refine.aniso_B[3][3]                            -3.73 
_refine.B_iso_max                                ? 
_refine.B_iso_mean                               43.839 
_refine.B_iso_min                                ? 
_refine.correlation_coeff_Fo_to_Fc               0.926 
_refine.correlation_coeff_Fo_to_Fc_free          0.891 
_refine.details                                  
'SF FILE CONTAINS FRIEDEL PAIRS UNDER I/F_MINUS AND I/F_PLUS COLUMNS. HYDROGENS HAVE BEEN ADDED IN THE RIDING POSITIONS' 
_refine.diff_density_max                         ? 
_refine.diff_density_max_esd                     ? 
_refine.diff_density_min                         ? 
_refine.diff_density_min_esd                     ? 
_refine.diff_density_rms                         ? 
_refine.diff_density_rms_esd                     ? 
_refine.entry_id                                 5FGM 
_refine.pdbx_refine_id                           'X-RAY DIFFRACTION' 
_refine.ls_abs_structure_details                 ? 
_refine.ls_abs_structure_Flack                   ? 
_refine.ls_abs_structure_Flack_esd               ? 
_refine.ls_abs_structure_Rogers                  ? 
_refine.ls_abs_structure_Rogers_esd              ? 
_refine.ls_d_res_high                            2.60 
_refine.ls_d_res_low                             38.95 
_refine.ls_extinction_coef                       ? 
_refine.ls_extinction_coef_esd                   ? 
_refine.ls_extinction_expression                 ? 
_refine.ls_extinction_method                     ? 
_refine.ls_goodness_of_fit_all                   ? 
_refine.ls_goodness_of_fit_all_esd               ? 
_refine.ls_goodness_of_fit_obs                   ? 
_refine.ls_goodness_of_fit_obs_esd               ? 
_refine.ls_hydrogen_treatment                    ? 
_refine.ls_matrix_type                           ? 
_refine.ls_number_constraints                    ? 
_refine.ls_number_parameters                     ? 
_refine.ls_number_reflns_all                     ? 
_refine.ls_number_reflns_obs                     3011 
_refine.ls_number_reflns_R_free                  135 
_refine.ls_number_reflns_R_work                  ? 
_refine.ls_number_restraints                     ? 
_refine.ls_percent_reflns_obs                    99.24 
_refine.ls_percent_reflns_R_free                 4.3 
_refine.ls_R_factor_all                          ? 
_refine.ls_R_factor_obs                          0.24240 
_refine.ls_R_factor_R_free                       0.31798 
_refine.ls_R_factor_R_free_error                 ? 
_refine.ls_R_factor_R_free_error_details         ? 
_refine.ls_R_factor_R_work                       0.23879 
_refine.ls_R_Fsqd_factor_obs                     ? 
_refine.ls_R_I_factor_obs                        ? 
_refine.ls_redundancy_reflns_all                 ? 
_refine.ls_redundancy_reflns_obs                 ? 
_refine.ls_restrained_S_all                      ? 
_refine.ls_restrained_S_obs                      ? 
_refine.ls_shift_over_esd_max                    ? 
_refine.ls_shift_over_esd_mean                   ? 
_refine.ls_structure_factor_coef                 ? 
_refine.ls_weighting_details                     ? 
_refine.ls_weighting_scheme                      ? 
_refine.ls_wR_factor_all                         ? 
_refine.ls_wR_factor_obs                         ? 
_refine.ls_wR_factor_R_free                      ? 
_refine.ls_wR_factor_R_work                      ? 
_refine.occupancy_max                            ? 
_refine.occupancy_min                            ? 
_refine.solvent_model_details                    MASK 
_refine.solvent_model_param_bsol                 ? 
_refine.solvent_model_param_ksol                 ? 
_refine.ls_R_factor_gt                           ? 
_refine.ls_goodness_of_fit_gt                    ? 
_refine.ls_goodness_of_fit_ref                   ? 
_refine.ls_shift_over_su_max                     ? 
_refine.ls_shift_over_su_max_lt                  ? 
_refine.ls_shift_over_su_mean                    ? 
_refine.ls_shift_over_su_mean_lt                 ? 
_refine.pdbx_ls_sigma_I                          ? 
_refine.pdbx_ls_sigma_F                          ? 
_refine.pdbx_ls_sigma_Fsqd                       ? 
_refine.pdbx_data_cutoff_high_absF               ? 
_refine.pdbx_data_cutoff_high_rms_absF           ? 
_refine.pdbx_data_cutoff_low_absF                ? 
_refine.pdbx_isotropic_thermal_model             ? 
_refine.pdbx_ls_cross_valid_method               THROUGHOUT 
_refine.pdbx_method_to_determine_struct          'MOLECULAR REPLACEMENT' 
_refine.pdbx_starting_model                      ? 
_refine.pdbx_stereochemistry_target_values       'MAXIMUM LIKELIHOOD' 
_refine.pdbx_R_Free_selection_details            RANDOM 
_refine.pdbx_stereochem_target_val_spec_case     ? 
_refine.pdbx_overall_ESU_R                       0.481 
_refine.pdbx_overall_ESU_R_Free                  0.351 
_refine.pdbx_solvent_vdw_probe_radii             1.40 
_refine.pdbx_solvent_ion_probe_radii             0.80 
_refine.pdbx_solvent_shrinkage_radii             0.80 
_refine.pdbx_real_space_R                        ? 
_refine.pdbx_density_correlation                 ? 
_refine.pdbx_pd_number_of_powder_patterns        ? 
_refine.pdbx_pd_number_of_points                 ? 
_refine.pdbx_pd_meas_number_of_points            ? 
_refine.pdbx_pd_proc_ls_prof_R_factor            ? 
_refine.pdbx_pd_proc_ls_prof_wR_factor           ? 
_refine.pdbx_pd_Marquardt_correlation_coeff      ? 
_refine.pdbx_pd_Fsqrd_R_factor                   ? 
_refine.pdbx_pd_ls_matrix_band_width             ? 
_refine.pdbx_overall_phase_error                 ? 
_refine.pdbx_overall_SU_R_free_Cruickshank_DPI   ? 
_refine.pdbx_overall_SU_R_free_Blow_DPI          ? 
_refine.pdbx_overall_SU_R_Blow_DPI               ? 
_refine.pdbx_TLS_residual_ADP_flag               ? 
_refine.pdbx_diffrn_id                           1 
_refine.overall_SU_B                             12.842 
_refine.overall_SU_ML                            0.261 
_refine.overall_SU_R_Cruickshank_DPI             ? 
_refine.overall_SU_R_free                        ? 
_refine.overall_FOM_free_R_set                   ? 
_refine.overall_FOM_work_R_set                   ? 
_refine.pdbx_average_fsc_overall                 ? 
_refine.pdbx_average_fsc_work                    ? 
_refine.pdbx_average_fsc_free                    ? 
# 
_refine_hist.pdbx_refine_id                   'X-RAY DIFFRACTION' 
_refine_hist.cycle_id                         1 
_refine_hist.pdbx_number_atoms_protein        517 
_refine_hist.pdbx_number_atoms_nucleic_acid   0 
_refine_hist.pdbx_number_atoms_ligand         0 
_refine_hist.number_atoms_solvent             11 
_refine_hist.number_atoms_total               528 
_refine_hist.d_res_high                       2.60 
_refine_hist.d_res_low                        38.95 
# 
loop_
_refine_ls_restr.pdbx_refine_id 
_refine_ls_restr.criterion 
_refine_ls_restr.dev_ideal 
_refine_ls_restr.dev_ideal_target 
_refine_ls_restr.number 
_refine_ls_restr.rejects 
_refine_ls_restr.type 
_refine_ls_restr.weight 
_refine_ls_restr.pdbx_restraint_function 
'X-RAY DIFFRACTION' ? 0.023  0.022  522 ? r_bond_refined_d             ? ? 
'X-RAY DIFFRACTION' ? ?      ?      ?   ? r_bond_other_d               ? ? 
'X-RAY DIFFRACTION' ? 1.924  1.978  701 ? r_angle_refined_deg          ? ? 
'X-RAY DIFFRACTION' ? ?      ?      ?   ? r_angle_other_deg            ? ? 
'X-RAY DIFFRACTION' ? 6.235  5.000  64  ? r_dihedral_angle_1_deg       ? ? 
'X-RAY DIFFRACTION' ? 38.505 22.308 26  ? r_dihedral_angle_2_deg       ? ? 
'X-RAY DIFFRACTION' ? 23.040 15.000 95  ? r_dihedral_angle_3_deg       ? ? 
'X-RAY DIFFRACTION' ? 23.714 15.000 7   ? r_dihedral_angle_4_deg       ? ? 
'X-RAY DIFFRACTION' ? 0.126  0.200  77  ? r_chiral_restr               ? ? 
'X-RAY DIFFRACTION' ? 0.007  0.021  395 ? r_gen_planes_refined         ? ? 
'X-RAY DIFFRACTION' ? ?      ?      ?   ? r_gen_planes_other           ? ? 
'X-RAY DIFFRACTION' ? ?      ?      ?   ? r_nbd_refined                ? ? 
'X-RAY DIFFRACTION' ? ?      ?      ?   ? r_nbd_other                  ? ? 
'X-RAY DIFFRACTION' ? ?      ?      ?   ? r_nbtor_refined              ? ? 
'X-RAY DIFFRACTION' ? ?      ?      ?   ? r_nbtor_other                ? ? 
'X-RAY DIFFRACTION' ? ?      ?      ?   ? r_xyhbond_nbd_refined        ? ? 
'X-RAY DIFFRACTION' ? ?      ?      ?   ? r_xyhbond_nbd_other          ? ? 
'X-RAY DIFFRACTION' ? ?      ?      ?   ? r_metal_ion_refined          ? ? 
'X-RAY DIFFRACTION' ? ?      ?      ?   ? r_metal_ion_other            ? ? 
'X-RAY DIFFRACTION' ? ?      ?      ?   ? r_symmetry_vdw_refined       ? ? 
'X-RAY DIFFRACTION' ? ?      ?      ?   ? r_symmetry_vdw_other         ? ? 
'X-RAY DIFFRACTION' ? ?      ?      ?   ? r_symmetry_hbond_refined     ? ? 
'X-RAY DIFFRACTION' ? ?      ?      ?   ? r_symmetry_hbond_other       ? ? 
'X-RAY DIFFRACTION' ? ?      ?      ?   ? r_symmetry_metal_ion_refined ? ? 
'X-RAY DIFFRACTION' ? ?      ?      ?   ? r_symmetry_metal_ion_other   ? ? 
'X-RAY DIFFRACTION' ? 0.903  1.500  321 ? r_mcbond_it                  ? ? 
'X-RAY DIFFRACTION' ? ?      ?      ?   ? r_mcbond_other               ? ? 
'X-RAY DIFFRACTION' ? 1.736  2.000  511 ? r_mcangle_it                 ? ? 
'X-RAY DIFFRACTION' ? ?      ?      ?   ? r_mcangle_other              ? ? 
'X-RAY DIFFRACTION' ? 2.692  3.000  201 ? r_scbond_it                  ? ? 
'X-RAY DIFFRACTION' ? ?      ?      ?   ? r_scbond_other               ? ? 
'X-RAY DIFFRACTION' ? 4.816  4.500  190 ? r_scangle_it                 ? ? 
'X-RAY DIFFRACTION' ? ?      ?      ?   ? r_scangle_other              ? ? 
'X-RAY DIFFRACTION' ? ?      ?      ?   ? r_long_range_B_refined       ? ? 
'X-RAY DIFFRACTION' ? ?      ?      ?   ? r_long_range_B_other         ? ? 
'X-RAY DIFFRACTION' ? ?      ?      ?   ? r_rigid_bond_restr           ? ? 
'X-RAY DIFFRACTION' ? ?      ?      ?   ? r_sphericity_free            ? ? 
'X-RAY DIFFRACTION' ? ?      ?      ?   ? r_sphericity_bonded          ? ? 
# 
_refine_ls_shell.pdbx_refine_id                   'X-RAY DIFFRACTION' 
_refine_ls_shell.d_res_high                       2.598 
_refine_ls_shell.d_res_low                        2.665 
_refine_ls_shell.number_reflns_all                ? 
_refine_ls_shell.number_reflns_obs                ? 
_refine_ls_shell.number_reflns_R_free             6 
_refine_ls_shell.number_reflns_R_work             220 
_refine_ls_shell.percent_reflns_obs               100.00 
_refine_ls_shell.percent_reflns_R_free            ? 
_refine_ls_shell.R_factor_all                     ? 
_refine_ls_shell.R_factor_obs                     ? 
_refine_ls_shell.R_factor_R_free                  0.593 
_refine_ls_shell.R_factor_R_free_error            ? 
_refine_ls_shell.R_factor_R_work                  0.343 
_refine_ls_shell.redundancy_reflns_all            ? 
_refine_ls_shell.redundancy_reflns_obs            ? 
_refine_ls_shell.wR_factor_all                    ? 
_refine_ls_shell.wR_factor_obs                    ? 
_refine_ls_shell.wR_factor_R_free                 ? 
_refine_ls_shell.wR_factor_R_work                 ? 
_refine_ls_shell.pdbx_total_number_of_bins_used   20 
_refine_ls_shell.pdbx_phase_error                 ? 
_refine_ls_shell.pdbx_fsc_work                    ? 
_refine_ls_shell.pdbx_fsc_free                    ? 
# 
_struct.entry_id                     5FGM 
_struct.title                        'Streptomyces coelicolor SigR region 4' 
_struct.pdbx_model_details           ? 
_struct.pdbx_formula_weight          ? 
_struct.pdbx_formula_weight_method   ? 
_struct.pdbx_model_type_details      ? 
_struct.pdbx_CASP_flag               ? 
# 
_struct_keywords.entry_id        5FGM 
_struct_keywords.text            'ECF sigma factors, sigma factor region 4, promoter -35 element binding, HYDROLASE' 
_struct_keywords.pdbx_keywords   HYDROLASE 
# 
loop_
_struct_asym.id 
_struct_asym.pdbx_blank_PDB_chainid_flag 
_struct_asym.pdbx_modified 
_struct_asym.entity_id 
_struct_asym.details 
A N N 1 ? 
B N N 2 ? 
# 
_struct_ref.id                         1 
_struct_ref.db_name                    UNP 
_struct_ref.db_code                    SIGR_STRCO 
_struct_ref.pdbx_db_accession          Q7AKG9 
_struct_ref.pdbx_db_isoform            ? 
_struct_ref.entity_id                  1 
_struct_ref.pdbx_seq_one_letter_code   LPDSDVKQALQAIPEEFRIAVYLADVEGFAYKEIADIMGTPIGTVMSRLHRGRRQLRGMLEDYAR 
_struct_ref.pdbx_align_begin           143 
# 
_struct_ref_seq.align_id                      1 
_struct_ref_seq.ref_id                        1 
_struct_ref_seq.pdbx_PDB_id_code              5FGM 
_struct_ref_seq.pdbx_strand_id                A 
_struct_ref_seq.seq_align_beg                 5 
_struct_ref_seq.pdbx_seq_align_beg_ins_code   ? 
_struct_ref_seq.seq_align_end                 69 
_struct_ref_seq.pdbx_seq_align_end_ins_code   ? 
_struct_ref_seq.pdbx_db_accession             Q7AKG9 
_struct_ref_seq.db_align_beg                  143 
_struct_ref_seq.pdbx_db_align_beg_ins_code    ? 
_struct_ref_seq.db_align_end                  207 
_struct_ref_seq.pdbx_db_align_end_ins_code    ? 
_struct_ref_seq.pdbx_auth_seq_align_beg       143 
_struct_ref_seq.pdbx_auth_seq_align_end       207 
# 
loop_
_struct_ref_seq_dif.align_id 
_struct_ref_seq_dif.pdbx_pdb_id_code 
_struct_ref_seq_dif.mon_id 
_struct_ref_seq_dif.pdbx_pdb_strand_id 
_struct_ref_seq_dif.seq_num 
_struct_ref_seq_dif.pdbx_pdb_ins_code 
_struct_ref_seq_dif.pdbx_seq_db_name 
_struct_ref_seq_dif.pdbx_seq_db_accession_code 
_struct_ref_seq_dif.db_mon_id 
_struct_ref_seq_dif.pdbx_seq_db_seq_num 
_struct_ref_seq_dif.details 
_struct_ref_seq_dif.pdbx_auth_seq_num 
_struct_ref_seq_dif.pdbx_ordinal 
1 5FGM GLY A 1 ? UNP Q7AKG9 ? ? 'expression tag' 139 1 
1 5FGM SER A 2 ? UNP Q7AKG9 ? ? 'expression tag' 140 2 
1 5FGM HIS A 3 ? UNP Q7AKG9 ? ? 'expression tag' 141 3 
1 5FGM MSE A 4 ? UNP Q7AKG9 ? ? 'expression tag' 142 4 
# 
loop_
_pdbx_struct_assembly.id 
_pdbx_struct_assembly.details 
_pdbx_struct_assembly.method_details 
_pdbx_struct_assembly.oligomeric_details 
_pdbx_struct_assembly.oligomeric_count 
1 author_defined_assembly   ?    monomeric 1 
2 software_defined_assembly PISA dimeric   2 
# 
loop_
_pdbx_struct_assembly_prop.biol_id 
_pdbx_struct_assembly_prop.type 
_pdbx_struct_assembly_prop.value 
_pdbx_struct_assembly_prop.details 
1 'ABSA (A^2)' 0    ? 
1 MORE         0    ? 
1 'SSA (A^2)'  4480 ? 
2 'ABSA (A^2)' 1270 ? 
2 MORE         -7   ? 
2 'SSA (A^2)'  7700 ? 
# 
loop_
_pdbx_struct_assembly_gen.assembly_id 
_pdbx_struct_assembly_gen.oper_expression 
_pdbx_struct_assembly_gen.asym_id_list 
1 1   A,B 
2 1,2 A,B 
# 
loop_
_pdbx_struct_oper_list.id 
_pdbx_struct_oper_list.type 
_pdbx_struct_oper_list.name 
_pdbx_struct_oper_list.symmetry_operation 
_pdbx_struct_oper_list.matrix[1][1] 
_pdbx_struct_oper_list.matrix[1][2] 
_pdbx_struct_oper_list.matrix[1][3] 
_pdbx_struct_oper_list.vector[1] 
_pdbx_struct_oper_list.matrix[2][1] 
_pdbx_struct_oper_list.matrix[2][2] 
_pdbx_struct_oper_list.matrix[2][3] 
_pdbx_struct_oper_list.vector[2] 
_pdbx_struct_oper_list.matrix[3][1] 
_pdbx_struct_oper_list.matrix[3][2] 
_pdbx_struct_oper_list.matrix[3][3] 
_pdbx_struct_oper_list.vector[3] 
1 'identity operation'         1_555 x,y,z            1.0000000000  0.0000000000  0.0000000000  0.0000000000  0.0000000000  1.0000000000  0.0000000000 0.0000000000 0.0000000000  0.0000000000 1.0000000000 0.0000000000 
2 'crystal symmetry operation' 8_665 -y+1,-x+1,-z+1/2 -0.9905182256 -0.0799008825 -0.1117564037 20.6950773012 -0.0799008825 -0.3266923745 0.9417472811 0.7017545366 -0.1117564037 0.9417472811 0.3172106001 1.2541137973 
# 
loop_
_struct_conf.conf_type_id 
_struct_conf.id 
_struct_conf.pdbx_PDB_helix_id 
_struct_conf.beg_label_comp_id 
_struct_conf.beg_label_asym_id 
_struct_conf.beg_label_seq_id 
_struct_conf.pdbx_beg_PDB_ins_code 
_struct_conf.end_label_comp_id 
_struct_conf.end_label_asym_id 
_struct_conf.end_label_seq_id 
_struct_conf.pdbx_end_PDB_ins_code 
_struct_conf.beg_auth_comp_id 
_struct_conf.beg_auth_asym_id 
_struct_conf.beg_auth_seq_id 
_struct_conf.end_auth_comp_id 
_struct_conf.end_auth_asym_id 
_struct_conf.end_auth_seq_id 
_struct_conf.pdbx_PDB_helix_class 
_struct_conf.details 
_struct_conf.pdbx_PDB_helix_length 
HELX_P HELX_P1 AA1 ASP A 9  ? ALA A 16 ? ASP A 147 ALA A 154 1 ? 8  
HELX_P HELX_P2 AA2 PRO A 18 ? VAL A 30 ? PRO A 156 VAL A 168 1 ? 13 
HELX_P HELX_P3 AA3 ALA A 34 ? GLY A 43 ? ALA A 172 GLY A 181 1 ? 10 
HELX_P HELX_P4 AA4 PRO A 45 ? TYR A 67 ? PRO A 183 TYR A 205 1 ? 23 
# 
_struct_conf_type.id          HELX_P 
_struct_conf_type.criteria    ? 
_struct_conf_type.reference   ? 
# 
loop_
_struct_conn.id 
_struct_conn.conn_type_id 
_struct_conn.pdbx_leaving_atom_flag 
_struct_conn.pdbx_PDB_id 
_struct_conn.ptnr1_label_asym_id 
_struct_conn.ptnr1_label_comp_id 
_struct_conn.ptnr1_label_seq_id 
_struct_conn.ptnr1_label_atom_id 
_struct_conn.pdbx_ptnr1_label_alt_id 
_struct_conn.pdbx_ptnr1_PDB_ins_code 
_struct_conn.pdbx_ptnr1_standard_comp_id 
_struct_conn.ptnr1_symmetry 
_struct_conn.ptnr2_label_asym_id 
_struct_conn.ptnr2_label_comp_id 
_struct_conn.ptnr2_label_seq_id 
_struct_conn.ptnr2_label_atom_id 
_struct_conn.pdbx_ptnr2_label_alt_id 
_struct_conn.pdbx_ptnr2_PDB_ins_code 
_struct_conn.ptnr1_auth_asym_id 
_struct_conn.ptnr1_auth_comp_id 
_struct_conn.ptnr1_auth_seq_id 
_struct_conn.ptnr2_auth_asym_id 
_struct_conn.ptnr2_auth_comp_id 
_struct_conn.ptnr2_auth_seq_id 
_struct_conn.ptnr2_symmetry 
_struct_conn.pdbx_ptnr3_label_atom_id 
_struct_conn.pdbx_ptnr3_label_seq_id 
_struct_conn.pdbx_ptnr3_label_comp_id 
_struct_conn.pdbx_ptnr3_label_asym_id 
_struct_conn.pdbx_ptnr3_label_alt_id 
_struct_conn.pdbx_ptnr3_PDB_ins_code 
_struct_conn.details 
_struct_conn.pdbx_dist_value 
_struct_conn.pdbx_value_order 
_struct_conn.pdbx_role 
covale1 covale both ? A ILE 41 C ? ? ? 1_555 A MSE 42 N ? ? A ILE 179 A MSE 180 1_555 ? ? ? ? ? ? ? 1.325 ? ? 
covale2 covale both ? A MSE 42 C ? ? ? 1_555 A GLY 43 N ? ? A MSE 180 A GLY 181 1_555 ? ? ? ? ? ? ? 1.315 ? ? 
covale3 covale both ? A VAL 49 C ? ? ? 1_555 A MSE 50 N ? ? A VAL 187 A MSE 188 1_555 ? ? ? ? ? ? ? 1.308 ? ? 
covale4 covale both ? A MSE 50 C ? ? ? 1_555 A SER 51 N ? ? A MSE 188 A SER 189 1_555 ? ? ? ? ? ? ? 1.296 ? ? 
covale5 covale both ? A GLY 62 C ? ? ? 1_555 A MSE 63 N ? ? A GLY 200 A MSE 201 1_555 ? ? ? ? ? ? ? 1.313 ? ? 
covale6 covale both ? A MSE 63 C ? ? ? 1_555 A LEU 64 N ? ? A MSE 201 A LEU 202 1_555 ? ? ? ? ? ? ? 1.309 ? ? 
# 
_struct_conn_type.id          covale 
_struct_conn_type.criteria    ? 
_struct_conn_type.reference   ? 
# 
loop_
_pdbx_modification_feature.ordinal 
_pdbx_modification_feature.label_comp_id 
_pdbx_modification_feature.label_asym_id 
_pdbx_modification_feature.label_seq_id 
_pdbx_modification_feature.label_alt_id 
_pdbx_modification_feature.modified_residue_label_comp_id 
_pdbx_modification_feature.modified_residue_label_asym_id 
_pdbx_modification_feature.modified_residue_label_seq_id 
_pdbx_modification_feature.modified_residue_label_alt_id 
_pdbx_modification_feature.auth_comp_id 
_pdbx_modification_feature.auth_asym_id 
_pdbx_modification_feature.auth_seq_id 
_pdbx_modification_feature.PDB_ins_code 
_pdbx_modification_feature.symmetry 
_pdbx_modification_feature.modified_residue_auth_comp_id 
_pdbx_modification_feature.modified_residue_auth_asym_id 
_pdbx_modification_feature.modified_residue_auth_seq_id 
_pdbx_modification_feature.modified_residue_PDB_ins_code 
_pdbx_modification_feature.modified_residue_symmetry 
_pdbx_modification_feature.comp_id_linking_atom 
_pdbx_modification_feature.modified_residue_id_linking_atom 
_pdbx_modification_feature.modified_residue_id 
_pdbx_modification_feature.ref_pcm_id 
_pdbx_modification_feature.ref_comp_id 
_pdbx_modification_feature.type 
_pdbx_modification_feature.category 
1 MSE A 42 ? . . . . MSE A 180 ? 1_555 . . . . . . . MET 1 MSE Selenomethionine 'Named protein modification' 
2 MSE A 50 ? . . . . MSE A 188 ? 1_555 . . . . . . . MET 1 MSE Selenomethionine 'Named protein modification' 
3 MSE A 63 ? . . . . MSE A 201 ? 1_555 . . . . . . . MET 1 MSE Selenomethionine 'Named protein modification' 
# 
_pdbx_entry_details.entry_id                   5FGM 
_pdbx_entry_details.compound_details           ? 
_pdbx_entry_details.source_details             ? 
_pdbx_entry_details.nonpolymer_details         ? 
_pdbx_entry_details.sequence_details           ? 
_pdbx_entry_details.has_ligand_of_interest     ? 
_pdbx_entry_details.has_protein_modification   Y 
# 
loop_
_pdbx_validate_torsion.id 
_pdbx_validate_torsion.PDB_model_num 
_pdbx_validate_torsion.auth_comp_id 
_pdbx_validate_torsion.auth_asym_id 
_pdbx_validate_torsion.auth_seq_id 
_pdbx_validate_torsion.PDB_ins_code 
_pdbx_validate_torsion.label_alt_id 
_pdbx_validate_torsion.phi 
_pdbx_validate_torsion.psi 
1 1 PRO A 144 ? ? -82.49 -156.89 
2 1 ASP A 145 ? ? -68.89 -177.43 
3 1 SER A 146 ? ? -75.90 45.76   
# 
_pdbx_validate_peptide_omega.id               1 
_pdbx_validate_peptide_omega.PDB_model_num    1 
_pdbx_validate_peptide_omega.auth_comp_id_1   SER 
_pdbx_validate_peptide_omega.auth_asym_id_1   A 
_pdbx_validate_peptide_omega.auth_seq_id_1    146 
_pdbx_validate_peptide_omega.PDB_ins_code_1   ? 
_pdbx_validate_peptide_omega.label_alt_id_1   ? 
_pdbx_validate_peptide_omega.auth_comp_id_2   ASP 
_pdbx_validate_peptide_omega.auth_asym_id_2   A 
_pdbx_validate_peptide_omega.auth_seq_id_2    147 
_pdbx_validate_peptide_omega.PDB_ins_code_2   ? 
_pdbx_validate_peptide_omega.label_alt_id_2   ? 
_pdbx_validate_peptide_omega.omega            148.48 
# 
loop_
_pdbx_struct_mod_residue.id 
_pdbx_struct_mod_residue.label_asym_id 
_pdbx_struct_mod_residue.label_comp_id 
_pdbx_struct_mod_residue.label_seq_id 
_pdbx_struct_mod_residue.auth_asym_id 
_pdbx_struct_mod_residue.auth_comp_id 
_pdbx_struct_mod_residue.auth_seq_id 
_pdbx_struct_mod_residue.PDB_ins_code 
_pdbx_struct_mod_residue.parent_comp_id 
_pdbx_struct_mod_residue.details 
1 A MSE 42 A MSE 180 ? MET 'modified residue' 
2 A MSE 50 A MSE 188 ? MET 'modified residue' 
3 A MSE 63 A MSE 201 ? MET 'modified residue' 
# 
loop_
_pdbx_unobs_or_zero_occ_residues.id 
_pdbx_unobs_or_zero_occ_residues.PDB_model_num 
_pdbx_unobs_or_zero_occ_residues.polymer_flag 
_pdbx_unobs_or_zero_occ_residues.occupancy_flag 
_pdbx_unobs_or_zero_occ_residues.auth_asym_id 
_pdbx_unobs_or_zero_occ_residues.auth_comp_id 
_pdbx_unobs_or_zero_occ_residues.auth_seq_id 
_pdbx_unobs_or_zero_occ_residues.PDB_ins_code 
_pdbx_unobs_or_zero_occ_residues.label_asym_id 
_pdbx_unobs_or_zero_occ_residues.label_comp_id 
_pdbx_unobs_or_zero_occ_residues.label_seq_id 
1 1 Y 1 A GLY 139 ? A GLY 1 
2 1 Y 1 A SER 140 ? A SER 2 
3 1 Y 1 A HIS 141 ? A HIS 3 
4 1 Y 1 A MSE 142 ? A MSE 4 
# 
loop_
_chem_comp_atom.comp_id 
_chem_comp_atom.atom_id 
_chem_comp_atom.type_symbol 
_chem_comp_atom.pdbx_aromatic_flag 
_chem_comp_atom.pdbx_stereo_config 
_chem_comp_atom.pdbx_ordinal 
ALA N    N  N N 1   
ALA CA   C  N S 2   
ALA C    C  N N 3   
ALA O    O  N N 4   
ALA CB   C  N N 5   
ALA OXT  O  N N 6   
ALA H    H  N N 7   
ALA H2   H  N N 8   
ALA HA   H  N N 9   
ALA HB1  H  N N 10  
ALA HB2  H  N N 11  
ALA HB3  H  N N 12  
ALA HXT  H  N N 13  
ARG N    N  N N 14  
ARG CA   C  N S 15  
ARG C    C  N N 16  
ARG O    O  N N 17  
ARG CB   C  N N 18  
ARG CG   C  N N 19  
ARG CD   C  N N 20  
ARG NE   N  N N 21  
ARG CZ   C  N N 22  
ARG NH1  N  N N 23  
ARG NH2  N  N N 24  
ARG OXT  O  N N 25  
ARG H    H  N N 26  
ARG H2   H  N N 27  
ARG HA   H  N N 28  
ARG HB2  H  N N 29  
ARG HB3  H  N N 30  
ARG HG2  H  N N 31  
ARG HG3  H  N N 32  
ARG HD2  H  N N 33  
ARG HD3  H  N N 34  
ARG HE   H  N N 35  
ARG HH11 H  N N 36  
ARG HH12 H  N N 37  
ARG HH21 H  N N 38  
ARG HH22 H  N N 39  
ARG HXT  H  N N 40  
ASP N    N  N N 41  
ASP CA   C  N S 42  
ASP C    C  N N 43  
ASP O    O  N N 44  
ASP CB   C  N N 45  
ASP CG   C  N N 46  
ASP OD1  O  N N 47  
ASP OD2  O  N N 48  
ASP OXT  O  N N 49  
ASP H    H  N N 50  
ASP H2   H  N N 51  
ASP HA   H  N N 52  
ASP HB2  H  N N 53  
ASP HB3  H  N N 54  
ASP HD2  H  N N 55  
ASP HXT  H  N N 56  
GLN N    N  N N 57  
GLN CA   C  N S 58  
GLN C    C  N N 59  
GLN O    O  N N 60  
GLN CB   C  N N 61  
GLN CG   C  N N 62  
GLN CD   C  N N 63  
GLN OE1  O  N N 64  
GLN NE2  N  N N 65  
GLN OXT  O  N N 66  
GLN H    H  N N 67  
GLN H2   H  N N 68  
GLN HA   H  N N 69  
GLN HB2  H  N N 70  
GLN HB3  H  N N 71  
GLN HG2  H  N N 72  
GLN HG3  H  N N 73  
GLN HE21 H  N N 74  
GLN HE22 H  N N 75  
GLN HXT  H  N N 76  
GLU N    N  N N 77  
GLU CA   C  N S 78  
GLU C    C  N N 79  
GLU O    O  N N 80  
GLU CB   C  N N 81  
GLU CG   C  N N 82  
GLU CD   C  N N 83  
GLU OE1  O  N N 84  
GLU OE2  O  N N 85  
GLU OXT  O  N N 86  
GLU H    H  N N 87  
GLU H2   H  N N 88  
GLU HA   H  N N 89  
GLU HB2  H  N N 90  
GLU HB3  H  N N 91  
GLU HG2  H  N N 92  
GLU HG3  H  N N 93  
GLU HE2  H  N N 94  
GLU HXT  H  N N 95  
GLY N    N  N N 96  
GLY CA   C  N N 97  
GLY C    C  N N 98  
GLY O    O  N N 99  
GLY OXT  O  N N 100 
GLY H    H  N N 101 
GLY H2   H  N N 102 
GLY HA2  H  N N 103 
GLY HA3  H  N N 104 
GLY HXT  H  N N 105 
HIS N    N  N N 106 
HIS CA   C  N S 107 
HIS C    C  N N 108 
HIS O    O  N N 109 
HIS CB   C  N N 110 
HIS CG   C  Y N 111 
HIS ND1  N  Y N 112 
HIS CD2  C  Y N 113 
HIS CE1  C  Y N 114 
HIS NE2  N  Y N 115 
HIS OXT  O  N N 116 
HIS H    H  N N 117 
HIS H2   H  N N 118 
HIS HA   H  N N 119 
HIS HB2  H  N N 120 
HIS HB3  H  N N 121 
HIS HD1  H  N N 122 
HIS HD2  H  N N 123 
HIS HE1  H  N N 124 
HIS HE2  H  N N 125 
HIS HXT  H  N N 126 
HOH O    O  N N 127 
HOH H1   H  N N 128 
HOH H2   H  N N 129 
ILE N    N  N N 130 
ILE CA   C  N S 131 
ILE C    C  N N 132 
ILE O    O  N N 133 
ILE CB   C  N S 134 
ILE CG1  C  N N 135 
ILE CG2  C  N N 136 
ILE CD1  C  N N 137 
ILE OXT  O  N N 138 
ILE H    H  N N 139 
ILE H2   H  N N 140 
ILE HA   H  N N 141 
ILE HB   H  N N 142 
ILE HG12 H  N N 143 
ILE HG13 H  N N 144 
ILE HG21 H  N N 145 
ILE HG22 H  N N 146 
ILE HG23 H  N N 147 
ILE HD11 H  N N 148 
ILE HD12 H  N N 149 
ILE HD13 H  N N 150 
ILE HXT  H  N N 151 
LEU N    N  N N 152 
LEU CA   C  N S 153 
LEU C    C  N N 154 
LEU O    O  N N 155 
LEU CB   C  N N 156 
LEU CG   C  N N 157 
LEU CD1  C  N N 158 
LEU CD2  C  N N 159 
LEU OXT  O  N N 160 
LEU H    H  N N 161 
LEU H2   H  N N 162 
LEU HA   H  N N 163 
LEU HB2  H  N N 164 
LEU HB3  H  N N 165 
LEU HG   H  N N 166 
LEU HD11 H  N N 167 
LEU HD12 H  N N 168 
LEU HD13 H  N N 169 
LEU HD21 H  N N 170 
LEU HD22 H  N N 171 
LEU HD23 H  N N 172 
LEU HXT  H  N N 173 
LYS N    N  N N 174 
LYS CA   C  N S 175 
LYS C    C  N N 176 
LYS O    O  N N 177 
LYS CB   C  N N 178 
LYS CG   C  N N 179 
LYS CD   C  N N 180 
LYS CE   C  N N 181 
LYS NZ   N  N N 182 
LYS OXT  O  N N 183 
LYS H    H  N N 184 
LYS H2   H  N N 185 
LYS HA   H  N N 186 
LYS HB2  H  N N 187 
LYS HB3  H  N N 188 
LYS HG2  H  N N 189 
LYS HG3  H  N N 190 
LYS HD2  H  N N 191 
LYS HD3  H  N N 192 
LYS HE2  H  N N 193 
LYS HE3  H  N N 194 
LYS HZ1  H  N N 195 
LYS HZ2  H  N N 196 
LYS HZ3  H  N N 197 
LYS HXT  H  N N 198 
MSE N    N  N N 199 
MSE CA   C  N S 200 
MSE C    C  N N 201 
MSE O    O  N N 202 
MSE OXT  O  N N 203 
MSE CB   C  N N 204 
MSE CG   C  N N 205 
MSE SE   SE N N 206 
MSE CE   C  N N 207 
MSE H    H  N N 208 
MSE H2   H  N N 209 
MSE HA   H  N N 210 
MSE HXT  H  N N 211 
MSE HB2  H  N N 212 
MSE HB3  H  N N 213 
MSE HG2  H  N N 214 
MSE HG3  H  N N 215 
MSE HE1  H  N N 216 
MSE HE2  H  N N 217 
MSE HE3  H  N N 218 
PHE N    N  N N 219 
PHE CA   C  N S 220 
PHE C    C  N N 221 
PHE O    O  N N 222 
PHE CB   C  N N 223 
PHE CG   C  Y N 224 
PHE CD1  C  Y N 225 
PHE CD2  C  Y N 226 
PHE CE1  C  Y N 227 
PHE CE2  C  Y N 228 
PHE CZ   C  Y N 229 
PHE OXT  O  N N 230 
PHE H    H  N N 231 
PHE H2   H  N N 232 
PHE HA   H  N N 233 
PHE HB2  H  N N 234 
PHE HB3  H  N N 235 
PHE HD1  H  N N 236 
PHE HD2  H  N N 237 
PHE HE1  H  N N 238 
PHE HE2  H  N N 239 
PHE HZ   H  N N 240 
PHE HXT  H  N N 241 
PRO N    N  N N 242 
PRO CA   C  N S 243 
PRO C    C  N N 244 
PRO O    O  N N 245 
PRO CB   C  N N 246 
PRO CG   C  N N 247 
PRO CD   C  N N 248 
PRO OXT  O  N N 249 
PRO H    H  N N 250 
PRO HA   H  N N 251 
PRO HB2  H  N N 252 
PRO HB3  H  N N 253 
PRO HG2  H  N N 254 
PRO HG3  H  N N 255 
PRO HD2  H  N N 256 
PRO HD3  H  N N 257 
PRO HXT  H  N N 258 
SER N    N  N N 259 
SER CA   C  N S 260 
SER C    C  N N 261 
SER O    O  N N 262 
SER CB   C  N N 263 
SER OG   O  N N 264 
SER OXT  O  N N 265 
SER H    H  N N 266 
SER H2   H  N N 267 
SER HA   H  N N 268 
SER HB2  H  N N 269 
SER HB3  H  N N 270 
SER HG   H  N N 271 
SER HXT  H  N N 272 
THR N    N  N N 273 
THR CA   C  N S 274 
THR C    C  N N 275 
THR O    O  N N 276 
THR CB   C  N R 277 
THR OG1  O  N N 278 
THR CG2  C  N N 279 
THR OXT  O  N N 280 
THR H    H  N N 281 
THR H2   H  N N 282 
THR HA   H  N N 283 
THR HB   H  N N 284 
THR HG1  H  N N 285 
THR HG21 H  N N 286 
THR HG22 H  N N 287 
THR HG23 H  N N 288 
THR HXT  H  N N 289 
TYR N    N  N N 290 
TYR CA   C  N S 291 
TYR C    C  N N 292 
TYR O    O  N N 293 
TYR CB   C  N N 294 
TYR CG   C  Y N 295 
TYR CD1  C  Y N 296 
TYR CD2  C  Y N 297 
TYR CE1  C  Y N 298 
TYR CE2  C  Y N 299 
TYR CZ   C  Y N 300 
TYR OH   O  N N 301 
TYR OXT  O  N N 302 
TYR H    H  N N 303 
TYR H2   H  N N 304 
TYR HA   H  N N 305 
TYR HB2  H  N N 306 
TYR HB3  H  N N 307 
TYR HD1  H  N N 308 
TYR HD2  H  N N 309 
TYR HE1  H  N N 310 
TYR HE2  H  N N 311 
TYR HH   H  N N 312 
TYR HXT  H  N N 313 
VAL N    N  N N 314 
VAL CA   C  N S 315 
VAL C    C  N N 316 
VAL O    O  N N 317 
VAL CB   C  N N 318 
VAL CG1  C  N N 319 
VAL CG2  C  N N 320 
VAL OXT  O  N N 321 
VAL H    H  N N 322 
VAL H2   H  N N 323 
VAL HA   H  N N 324 
VAL HB   H  N N 325 
VAL HG11 H  N N 326 
VAL HG12 H  N N 327 
VAL HG13 H  N N 328 
VAL HG21 H  N N 329 
VAL HG22 H  N N 330 
VAL HG23 H  N N 331 
VAL HXT  H  N N 332 
# 
loop_
_chem_comp_bond.comp_id 
_chem_comp_bond.atom_id_1 
_chem_comp_bond.atom_id_2 
_chem_comp_bond.value_order 
_chem_comp_bond.pdbx_aromatic_flag 
_chem_comp_bond.pdbx_stereo_config 
_chem_comp_bond.pdbx_ordinal 
ALA N   CA   sing N N 1   
ALA N   H    sing N N 2   
ALA N   H2   sing N N 3   
ALA CA  C    sing N N 4   
ALA CA  CB   sing N N 5   
ALA CA  HA   sing N N 6   
ALA C   O    doub N N 7   
ALA C   OXT  sing N N 8   
ALA CB  HB1  sing N N 9   
ALA CB  HB2  sing N N 10  
ALA CB  HB3  sing N N 11  
ALA OXT HXT  sing N N 12  
ARG N   CA   sing N N 13  
ARG N   H    sing N N 14  
ARG N   H2   sing N N 15  
ARG CA  C    sing N N 16  
ARG CA  CB   sing N N 17  
ARG CA  HA   sing N N 18  
ARG C   O    doub N N 19  
ARG C   OXT  sing N N 20  
ARG CB  CG   sing N N 21  
ARG CB  HB2  sing N N 22  
ARG CB  HB3  sing N N 23  
ARG CG  CD   sing N N 24  
ARG CG  HG2  sing N N 25  
ARG CG  HG3  sing N N 26  
ARG CD  NE   sing N N 27  
ARG CD  HD2  sing N N 28  
ARG CD  HD3  sing N N 29  
ARG NE  CZ   sing N N 30  
ARG NE  HE   sing N N 31  
ARG CZ  NH1  sing N N 32  
ARG CZ  NH2  doub N N 33  
ARG NH1 HH11 sing N N 34  
ARG NH1 HH12 sing N N 35  
ARG NH2 HH21 sing N N 36  
ARG NH2 HH22 sing N N 37  
ARG OXT HXT  sing N N 38  
ASP N   CA   sing N N 39  
ASP N   H    sing N N 40  
ASP N   H2   sing N N 41  
ASP CA  C    sing N N 42  
ASP CA  CB   sing N N 43  
ASP CA  HA   sing N N 44  
ASP C   O    doub N N 45  
ASP C   OXT  sing N N 46  
ASP CB  CG   sing N N 47  
ASP CB  HB2  sing N N 48  
ASP CB  HB3  sing N N 49  
ASP CG  OD1  doub N N 50  
ASP CG  OD2  sing N N 51  
ASP OD2 HD2  sing N N 52  
ASP OXT HXT  sing N N 53  
GLN N   CA   sing N N 54  
GLN N   H    sing N N 55  
GLN N   H2   sing N N 56  
GLN CA  C    sing N N 57  
GLN CA  CB   sing N N 58  
GLN CA  HA   sing N N 59  
GLN C   O    doub N N 60  
GLN C   OXT  sing N N 61  
GLN CB  CG   sing N N 62  
GLN CB  HB2  sing N N 63  
GLN CB  HB3  sing N N 64  
GLN CG  CD   sing N N 65  
GLN CG  HG2  sing N N 66  
GLN CG  HG3  sing N N 67  
GLN CD  OE1  doub N N 68  
GLN CD  NE2  sing N N 69  
GLN NE2 HE21 sing N N 70  
GLN NE2 HE22 sing N N 71  
GLN OXT HXT  sing N N 72  
GLU N   CA   sing N N 73  
GLU N   H    sing N N 74  
GLU N   H2   sing N N 75  
GLU CA  C    sing N N 76  
GLU CA  CB   sing N N 77  
GLU CA  HA   sing N N 78  
GLU C   O    doub N N 79  
GLU C   OXT  sing N N 80  
GLU CB  CG   sing N N 81  
GLU CB  HB2  sing N N 82  
GLU CB  HB3  sing N N 83  
GLU CG  CD   sing N N 84  
GLU CG  HG2  sing N N 85  
GLU CG  HG3  sing N N 86  
GLU CD  OE1  doub N N 87  
GLU CD  OE2  sing N N 88  
GLU OE2 HE2  sing N N 89  
GLU OXT HXT  sing N N 90  
GLY N   CA   sing N N 91  
GLY N   H    sing N N 92  
GLY N   H2   sing N N 93  
GLY CA  C    sing N N 94  
GLY CA  HA2  sing N N 95  
GLY CA  HA3  sing N N 96  
GLY C   O    doub N N 97  
GLY C   OXT  sing N N 98  
GLY OXT HXT  sing N N 99  
HIS N   CA   sing N N 100 
HIS N   H    sing N N 101 
HIS N   H2   sing N N 102 
HIS CA  C    sing N N 103 
HIS CA  CB   sing N N 104 
HIS CA  HA   sing N N 105 
HIS C   O    doub N N 106 
HIS C   OXT  sing N N 107 
HIS CB  CG   sing N N 108 
HIS CB  HB2  sing N N 109 
HIS CB  HB3  sing N N 110 
HIS CG  ND1  sing Y N 111 
HIS CG  CD2  doub Y N 112 
HIS ND1 CE1  doub Y N 113 
HIS ND1 HD1  sing N N 114 
HIS CD2 NE2  sing Y N 115 
HIS CD2 HD2  sing N N 116 
HIS CE1 NE2  sing Y N 117 
HIS CE1 HE1  sing N N 118 
HIS NE2 HE2  sing N N 119 
HIS OXT HXT  sing N N 120 
HOH O   H1   sing N N 121 
HOH O   H2   sing N N 122 
ILE N   CA   sing N N 123 
ILE N   H    sing N N 124 
ILE N   H2   sing N N 125 
ILE CA  C    sing N N 126 
ILE CA  CB   sing N N 127 
ILE CA  HA   sing N N 128 
ILE C   O    doub N N 129 
ILE C   OXT  sing N N 130 
ILE CB  CG1  sing N N 131 
ILE CB  CG2  sing N N 132 
ILE CB  HB   sing N N 133 
ILE CG1 CD1  sing N N 134 
ILE CG1 HG12 sing N N 135 
ILE CG1 HG13 sing N N 136 
ILE CG2 HG21 sing N N 137 
ILE CG2 HG22 sing N N 138 
ILE CG2 HG23 sing N N 139 
ILE CD1 HD11 sing N N 140 
ILE CD1 HD12 sing N N 141 
ILE CD1 HD13 sing N N 142 
ILE OXT HXT  sing N N 143 
LEU N   CA   sing N N 144 
LEU N   H    sing N N 145 
LEU N   H2   sing N N 146 
LEU CA  C    sing N N 147 
LEU CA  CB   sing N N 148 
LEU CA  HA   sing N N 149 
LEU C   O    doub N N 150 
LEU C   OXT  sing N N 151 
LEU CB  CG   sing N N 152 
LEU CB  HB2  sing N N 153 
LEU CB  HB3  sing N N 154 
LEU CG  CD1  sing N N 155 
LEU CG  CD2  sing N N 156 
LEU CG  HG   sing N N 157 
LEU CD1 HD11 sing N N 158 
LEU CD1 HD12 sing N N 159 
LEU CD1 HD13 sing N N 160 
LEU CD2 HD21 sing N N 161 
LEU CD2 HD22 sing N N 162 
LEU CD2 HD23 sing N N 163 
LEU OXT HXT  sing N N 164 
LYS N   CA   sing N N 165 
LYS N   H    sing N N 166 
LYS N   H2   sing N N 167 
LYS CA  C    sing N N 168 
LYS CA  CB   sing N N 169 
LYS CA  HA   sing N N 170 
LYS C   O    doub N N 171 
LYS C   OXT  sing N N 172 
LYS CB  CG   sing N N 173 
LYS CB  HB2  sing N N 174 
LYS CB  HB3  sing N N 175 
LYS CG  CD   sing N N 176 
LYS CG  HG2  sing N N 177 
LYS CG  HG3  sing N N 178 
LYS CD  CE   sing N N 179 
LYS CD  HD2  sing N N 180 
LYS CD  HD3  sing N N 181 
LYS CE  NZ   sing N N 182 
LYS CE  HE2  sing N N 183 
LYS CE  HE3  sing N N 184 
LYS NZ  HZ1  sing N N 185 
LYS NZ  HZ2  sing N N 186 
LYS NZ  HZ3  sing N N 187 
LYS OXT HXT  sing N N 188 
MSE N   CA   sing N N 189 
MSE N   H    sing N N 190 
MSE N   H2   sing N N 191 
MSE CA  C    sing N N 192 
MSE CA  CB   sing N N 193 
MSE CA  HA   sing N N 194 
MSE C   O    doub N N 195 
MSE C   OXT  sing N N 196 
MSE OXT HXT  sing N N 197 
MSE CB  CG   sing N N 198 
MSE CB  HB2  sing N N 199 
MSE CB  HB3  sing N N 200 
MSE CG  SE   sing N N 201 
MSE CG  HG2  sing N N 202 
MSE CG  HG3  sing N N 203 
MSE SE  CE   sing N N 204 
MSE CE  HE1  sing N N 205 
MSE CE  HE2  sing N N 206 
MSE CE  HE3  sing N N 207 
PHE N   CA   sing N N 208 
PHE N   H    sing N N 209 
PHE N   H2   sing N N 210 
PHE CA  C    sing N N 211 
PHE CA  CB   sing N N 212 
PHE CA  HA   sing N N 213 
PHE C   O    doub N N 214 
PHE C   OXT  sing N N 215 
PHE CB  CG   sing N N 216 
PHE CB  HB2  sing N N 217 
PHE CB  HB3  sing N N 218 
PHE CG  CD1  doub Y N 219 
PHE CG  CD2  sing Y N 220 
PHE CD1 CE1  sing Y N 221 
PHE CD1 HD1  sing N N 222 
PHE CD2 CE2  doub Y N 223 
PHE CD2 HD2  sing N N 224 
PHE CE1 CZ   doub Y N 225 
PHE CE1 HE1  sing N N 226 
PHE CE2 CZ   sing Y N 227 
PHE CE2 HE2  sing N N 228 
PHE CZ  HZ   sing N N 229 
PHE OXT HXT  sing N N 230 
PRO N   CA   sing N N 231 
PRO N   CD   sing N N 232 
PRO N   H    sing N N 233 
PRO CA  C    sing N N 234 
PRO CA  CB   sing N N 235 
PRO CA  HA   sing N N 236 
PRO C   O    doub N N 237 
PRO C   OXT  sing N N 238 
PRO CB  CG   sing N N 239 
PRO CB  HB2  sing N N 240 
PRO CB  HB3  sing N N 241 
PRO CG  CD   sing N N 242 
PRO CG  HG2  sing N N 243 
PRO CG  HG3  sing N N 244 
PRO CD  HD2  sing N N 245 
PRO CD  HD3  sing N N 246 
PRO OXT HXT  sing N N 247 
SER N   CA   sing N N 248 
SER N   H    sing N N 249 
SER N   H2   sing N N 250 
SER CA  C    sing N N 251 
SER CA  CB   sing N N 252 
SER CA  HA   sing N N 253 
SER C   O    doub N N 254 
SER C   OXT  sing N N 255 
SER CB  OG   sing N N 256 
SER CB  HB2  sing N N 257 
SER CB  HB3  sing N N 258 
SER OG  HG   sing N N 259 
SER OXT HXT  sing N N 260 
THR N   CA   sing N N 261 
THR N   H    sing N N 262 
THR N   H2   sing N N 263 
THR CA  C    sing N N 264 
THR CA  CB   sing N N 265 
THR CA  HA   sing N N 266 
THR C   O    doub N N 267 
THR C   OXT  sing N N 268 
THR CB  OG1  sing N N 269 
THR CB  CG2  sing N N 270 
THR CB  HB   sing N N 271 
THR OG1 HG1  sing N N 272 
THR CG2 HG21 sing N N 273 
THR CG2 HG22 sing N N 274 
THR CG2 HG23 sing N N 275 
THR OXT HXT  sing N N 276 
TYR N   CA   sing N N 277 
TYR N   H    sing N N 278 
TYR N   H2   sing N N 279 
TYR CA  C    sing N N 280 
TYR CA  CB   sing N N 281 
TYR CA  HA   sing N N 282 
TYR C   O    doub N N 283 
TYR C   OXT  sing N N 284 
TYR CB  CG   sing N N 285 
TYR CB  HB2  sing N N 286 
TYR CB  HB3  sing N N 287 
TYR CG  CD1  doub Y N 288 
TYR CG  CD2  sing Y N 289 
TYR CD1 CE1  sing Y N 290 
TYR CD1 HD1  sing N N 291 
TYR CD2 CE2  doub Y N 292 
TYR CD2 HD2  sing N N 293 
TYR CE1 CZ   doub Y N 294 
TYR CE1 HE1  sing N N 295 
TYR CE2 CZ   sing Y N 296 
TYR CE2 HE2  sing N N 297 
TYR CZ  OH   sing N N 298 
TYR OH  HH   sing N N 299 
TYR OXT HXT  sing N N 300 
VAL N   CA   sing N N 301 
VAL N   H    sing N N 302 
VAL N   H2   sing N N 303 
VAL CA  C    sing N N 304 
VAL CA  CB   sing N N 305 
VAL CA  HA   sing N N 306 
VAL C   O    doub N N 307 
VAL C   OXT  sing N N 308 
VAL CB  CG1  sing N N 309 
VAL CB  CG2  sing N N 310 
VAL CB  HB   sing N N 311 
VAL CG1 HG11 sing N N 312 
VAL CG1 HG12 sing N N 313 
VAL CG1 HG13 sing N N 314 
VAL CG2 HG21 sing N N 315 
VAL CG2 HG22 sing N N 316 
VAL CG2 HG23 sing N N 317 
VAL OXT HXT  sing N N 318 
# 
_atom_sites.entry_id                    5FGM 
_atom_sites.fract_transf_matrix[1][1]   0.01789587 
_atom_sites.fract_transf_matrix[1][2]   -0.00903088 
_atom_sites.fract_transf_matrix[1][3]   -0.01270202 
_atom_sites.fract_transf_matrix[2][1]   0.01558508 
_atom_sites.fract_transf_matrix[2][2]   0.01044167 
_atom_sites.fract_transf_matrix[2][3]   0.01453400 
_atom_sites.fract_transf_matrix[3][1]   0.00002394 
_atom_sites.fract_transf_matrix[3][2]   -0.00797270 
_atom_sites.fract_transf_matrix[3][3]   0.00570216 
_atom_sites.fract_transf_vector[1]      0.017557 
_atom_sites.fract_transf_vector[2]      0.634355 
_atom_sites.fract_transf_vector[3]      0.248964 
# 
loop_
_atom_type.symbol 
C  
N  
O  
SE 
# 
loop_
_atom_site.group_PDB 
_atom_site.id 
_atom_site.type_symbol 
_atom_site.label_atom_id 
_atom_site.label_alt_id 
_atom_site.label_comp_id 
_atom_site.label_asym_id 
_atom_site.label_entity_id 
_atom_site.label_seq_id 
_atom_site.pdbx_PDB_ins_code 
_atom_site.Cartn_x 
_atom_site.Cartn_y 
_atom_site.Cartn_z 
_atom_site.occupancy 
_atom_site.B_iso_or_equiv 
_atom_site.pdbx_formal_charge 
_atom_site.auth_seq_id 
_atom_site.auth_comp_id 
_atom_site.auth_asym_id 
_atom_site.auth_atom_id 
_atom_site.pdbx_PDB_model_num 
ATOM   1   N  N   . LEU A 1 5  ? -6.458  -0.037  -10.620 1.00 78.96 ? 143 LEU A N   1 
ATOM   2   C  CA  . LEU A 1 5  ? -7.690  0.710   -10.391 1.00 79.16 ? 143 LEU A CA  1 
ATOM   3   C  C   . LEU A 1 5  ? -7.841  1.913   -11.344 1.00 78.89 ? 143 LEU A C   1 
ATOM   4   O  O   . LEU A 1 5  ? -8.247  1.728   -12.497 1.00 78.90 ? 143 LEU A O   1 
ATOM   5   C  CB  . LEU A 1 5  ? -7.803  1.126   -8.918  1.00 79.20 ? 143 LEU A CB  1 
ATOM   6   C  CG  . LEU A 1 5  ? -7.951  0.007   -7.880  1.00 79.36 ? 143 LEU A CG  1 
ATOM   7   C  CD1 . LEU A 1 5  ? -6.608  -0.642  -7.594  1.00 79.12 ? 143 LEU A CD1 1 
ATOM   8   C  CD2 . LEU A 1 5  ? -8.574  0.526   -6.594  1.00 79.07 ? 143 LEU A CD2 1 
ATOM   9   N  N   . PRO A 1 6  ? -7.545  3.186   -10.818 1.00 78.49 ? 144 PRO A N   1 
ATOM   10  C  CA  . PRO A 1 6  ? -7.603  4.259   -11.823 1.00 77.51 ? 144 PRO A CA  1 
ATOM   11  C  C   . PRO A 1 6  ? -6.335  4.317   -12.582 1.00 76.41 ? 144 PRO A C   1 
ATOM   12  O  O   . PRO A 1 6  ? -5.625  3.352   -12.639 1.00 76.74 ? 144 PRO A O   1 
ATOM   13  C  CB  . PRO A 1 6  ? -7.732  5.523   -10.991 1.00 20.00 ? 144 PRO A CB  1 
ATOM   14  C  CG  . PRO A 1 6  ? -6.870  5.260   -9.834  1.00 20.00 ? 144 PRO A CG  1 
ATOM   15  C  CD  . PRO A 1 6  ? -7.292  3.880   -9.458  1.00 20.00 ? 144 PRO A CD  1 
ATOM   16  N  N   . ASP A 1 7  ? -6.070  5.471   -13.149 1.00 74.92 ? 145 ASP A N   1 
ATOM   17  C  CA  . ASP A 1 7  ? -4.915  5.735   -13.935 1.00 73.84 ? 145 ASP A CA  1 
ATOM   18  C  C   . ASP A 1 7  ? -3.724  5.722   -13.015 1.00 72.80 ? 145 ASP A C   1 
ATOM   19  O  O   . ASP A 1 7  ? -3.881  5.467   -11.865 1.00 73.04 ? 145 ASP A O   1 
ATOM   20  C  CB  . ASP A 1 7  ? -5.152  7.099   -14.520 1.00 74.22 ? 145 ASP A CB  1 
ATOM   21  C  CG  . ASP A 1 7  ? -3.931  7.707   -15.088 1.00 76.40 ? 145 ASP A CG  1 
ATOM   22  O  OD1 . ASP A 1 7  ? -2.931  7.000   -15.262 1.00 78.50 ? 145 ASP A OD1 1 
ATOM   23  O  OD2 . ASP A 1 7  ? -3.968  8.909   -15.384 1.00 77.83 ? 145 ASP A OD2 1 
ATOM   24  N  N   . SER A 1 8  ? -2.524  5.994   -13.499 1.00 71.55 ? 146 SER A N   1 
ATOM   25  C  CA  . SER A 1 8  ? -1.397  6.230   -12.602 1.00 70.11 ? 146 SER A CA  1 
ATOM   26  C  C   . SER A 1 8  ? -1.527  7.615   -12.007 1.00 68.89 ? 146 SER A C   1 
ATOM   27  O  O   . SER A 1 8  ? -0.630  8.425   -11.978 1.00 68.76 ? 146 SER A O   1 
ATOM   28  C  CB  . SER A 1 8  ? -0.076  5.975   -13.262 1.00 70.60 ? 146 SER A CB  1 
ATOM   29  O  OG  . SER A 1 8  ? -0.039  4.620   -13.683 1.00 71.03 ? 146 SER A OG  1 
ATOM   30  N  N   . ASP A 1 9  ? -2.758  7.839   -11.591 1.00 67.08 ? 147 ASP A N   1 
ATOM   31  C  CA  . ASP A 1 9  ? -3.169  8.652   -10.500 1.00 64.92 ? 147 ASP A CA  1 
ATOM   32  C  C   . ASP A 1 9  ? -2.914  7.902   -9.229  1.00 63.22 ? 147 ASP A C   1 
ATOM   33  O  O   . ASP A 1 9  ? -3.477  8.221   -8.234  1.00 62.69 ? 147 ASP A O   1 
ATOM   34  C  CB  . ASP A 1 9  ? -4.682  8.821   -10.577 1.00 65.64 ? 147 ASP A CB  1 
ATOM   35  C  CG  . ASP A 1 9  ? -5.097  9.948   -11.461 1.00 67.59 ? 147 ASP A CG  1 
ATOM   36  O  OD1 . ASP A 1 9  ? -4.267  10.483  -12.214 1.00 68.49 ? 147 ASP A OD1 1 
ATOM   37  O  OD2 . ASP A 1 9  ? -6.277  10.308  -11.388 1.00 68.85 ? 147 ASP A OD2 1 
ATOM   38  N  N   . VAL A 1 10 ? -2.099  6.869   -9.278  1.00 61.06 ? 148 VAL A N   1 
ATOM   39  C  CA  . VAL A 1 10 ? -1.893  6.023   -8.153  1.00 58.82 ? 148 VAL A CA  1 
ATOM   40  C  C   . VAL A 1 10 ? -0.733  6.537   -7.383  1.00 56.72 ? 148 VAL A C   1 
ATOM   41  O  O   . VAL A 1 10 ? -0.818  6.759   -6.207  1.00 56.42 ? 148 VAL A O   1 
ATOM   42  C  CB  . VAL A 1 10 ? -1.533  4.646   -8.579  1.00 59.24 ? 148 VAL A CB  1 
ATOM   43  C  CG1 . VAL A 1 10 ? -1.657  3.726   -7.396  1.00 59.24 ? 148 VAL A CG1 1 
ATOM   44  C  CG2 . VAL A 1 10 ? -2.423  4.197   -9.701  1.00 58.63 ? 148 VAL A CG2 1 
ATOM   45  N  N   . LYS A 1 11 ? 0.369   6.745   -8.058  1.00 54.73 ? 149 LYS A N   1 
ATOM   46  C  CA  . LYS A 1 11 ? 1.479   7.392   -7.405  1.00 53.57 ? 149 LYS A CA  1 
ATOM   47  C  C   . LYS A 1 11 ? 0.998   8.541   -6.542  1.00 52.38 ? 149 LYS A C   1 
ATOM   48  O  O   . LYS A 1 11 ? 1.673   8.930   -5.604  1.00 52.73 ? 149 LYS A O   1 
ATOM   49  C  CB  . LYS A 1 11 ? 2.473   7.905   -8.440  1.00 54.18 ? 149 LYS A CB  1 
ATOM   50  C  CG  . LYS A 1 11 ? 3.418   6.831   -8.924  1.00 56.66 ? 149 LYS A CG  1 
ATOM   51  C  CD  . LYS A 1 11 ? 3.760   6.955   -10.395 1.00 59.70 ? 149 LYS A CD  1 
ATOM   52  C  CE  . LYS A 1 11 ? 4.262   5.581   -10.960 1.00 62.79 ? 149 LYS A CE  1 
ATOM   53  N  NZ  . LYS A 1 11 ? 3.307   4.388   -10.830 1.00 63.19 ? 149 LYS A NZ  1 
ATOM   54  N  N   . GLN A 1 12 ? -0.179  9.077   -6.847  1.00 51.08 ? 150 GLN A N   1 
ATOM   55  C  CA  . GLN A 1 12 ? -0.659  10.268  -6.178  1.00 49.42 ? 150 GLN A CA  1 
ATOM   56  C  C   . GLN A 1 12 ? -1.573  9.981   -5.012  1.00 48.65 ? 150 GLN A C   1 
ATOM   57  O  O   . GLN A 1 12 ? -1.511  10.698  -4.009  1.00 49.38 ? 150 GLN A O   1 
ATOM   58  C  CB  . GLN A 1 12 ? -1.338  11.224  -7.148  1.00 49.80 ? 150 GLN A CB  1 
ATOM   59  C  CG  . GLN A 1 12 ? -0.375  12.012  -8.047  1.00 48.91 ? 150 GLN A CG  1 
ATOM   60  C  CD  . GLN A 1 12 ? 0.241   13.251  -7.402  1.00 48.30 ? 150 GLN A CD  1 
ATOM   61  O  OE1 . GLN A 1 12 ? 1.146   13.829  -7.971  1.00 51.74 ? 150 GLN A OE1 1 
ATOM   62  N  NE2 . GLN A 1 12 ? -0.233  13.657  -6.233  1.00 47.48 ? 150 GLN A NE2 1 
ATOM   63  N  N   . ALA A 1 13 ? -2.432  8.973   -5.124  1.00 46.43 ? 151 ALA A N   1 
ATOM   64  C  CA  . ALA A 1 13 ? -3.134  8.481   -3.957  1.00 44.37 ? 151 ALA A CA  1 
ATOM   65  C  C   . ALA A 1 13 ? -2.100  8.021   -2.920  1.00 43.73 ? 151 ALA A C   1 
ATOM   66  O  O   . ALA A 1 13 ? -2.122  8.428   -1.765  1.00 44.04 ? 151 ALA A O   1 
ATOM   67  C  CB  . ALA A 1 13 ? -4.011  7.345   -4.344  1.00 44.34 ? 151 ALA A CB  1 
ATOM   68  N  N   . LEU A 1 14 ? -1.162  7.192   -3.362  1.00 42.49 ? 152 LEU A N   1 
ATOM   69  C  CA  . LEU A 1 14 ? -0.187  6.541   -2.494  1.00 40.88 ? 152 LEU A CA  1 
ATOM   70  C  C   . LEU A 1 14 ? 0.676   7.495   -1.727  1.00 40.51 ? 152 LEU A C   1 
ATOM   71  O  O   . LEU A 1 14 ? 0.992   7.263   -0.576  1.00 41.23 ? 152 LEU A O   1 
ATOM   72  C  CB  . LEU A 1 14 ? 0.680   5.558   -3.300  1.00 40.30 ? 152 LEU A CB  1 
ATOM   73  C  CG  . LEU A 1 14 ? 0.023   4.204   -3.594  1.00 38.14 ? 152 LEU A CG  1 
ATOM   74  C  CD1 . LEU A 1 14 ? 0.909   3.361   -4.442  1.00 37.08 ? 152 LEU A CD1 1 
ATOM   75  C  CD2 . LEU A 1 14 ? -0.293  3.481   -2.302  1.00 36.07 ? 152 LEU A CD2 1 
ATOM   76  N  N   . GLN A 1 15 ? 1.062   8.569   -2.383  1.00 40.09 ? 153 GLN A N   1 
ATOM   77  C  CA  . GLN A 1 15 ? 1.871   9.600   -1.802  1.00 39.68 ? 153 GLN A CA  1 
ATOM   78  C  C   . GLN A 1 15 ? 1.082   10.367  -0.748  1.00 38.63 ? 153 GLN A C   1 
ATOM   79  O  O   . GLN A 1 15 ? 1.642   11.026  0.116   1.00 38.99 ? 153 GLN A O   1 
ATOM   80  C  CB  . GLN A 1 15 ? 2.293   10.495  -2.933  1.00 40.30 ? 153 GLN A CB  1 
ATOM   81  C  CG  . GLN A 1 15 ? 3.478   11.361  -2.727  1.00 44.92 ? 153 GLN A CG  1 
ATOM   82  C  CD  . GLN A 1 15 ? 3.649   12.280  -3.943  1.00 53.67 ? 153 GLN A CD  1 
ATOM   83  O  OE1 . GLN A 1 15 ? 3.610   13.534  -3.825  1.00 57.33 ? 153 GLN A OE1 1 
ATOM   84  N  NE2 . GLN A 1 15 ? 3.800   11.660  -5.139  1.00 54.51 ? 153 GLN A NE2 1 
ATOM   85  N  N   . ALA A 1 16 ? -0.228  10.254  -0.783  1.00 38.11 ? 154 ALA A N   1 
ATOM   86  C  CA  . ALA A 1 16 ? -1.035  10.881  0.234   1.00 38.09 ? 154 ALA A CA  1 
ATOM   87  C  C   . ALA A 1 16 ? -1.066  10.042  1.531   1.00 38.65 ? 154 ALA A C   1 
ATOM   88  O  O   . ALA A 1 16 ? -1.505  10.535  2.575   1.00 39.74 ? 154 ALA A O   1 
ATOM   89  C  CB  . ALA A 1 16 ? -2.394  11.118  -0.294  1.00 37.04 ? 154 ALA A CB  1 
ATOM   90  N  N   . ILE A 1 17 ? -0.573  8.794   1.459   1.00 38.12 ? 155 ILE A N   1 
ATOM   91  C  CA  . ILE A 1 17 ? -0.532  7.839   2.582   1.00 37.23 ? 155 ILE A CA  1 
ATOM   92  C  C   . ILE A 1 17 ? 0.834   7.850   3.251   1.00 36.82 ? 155 ILE A C   1 
ATOM   93  O  O   . ILE A 1 17 ? 1.814   8.089   2.598   1.00 37.51 ? 155 ILE A O   1 
ATOM   94  C  CB  . ILE A 1 17 ? -0.804  6.454   2.030   1.00 37.34 ? 155 ILE A CB  1 
ATOM   95  C  CG1 . ILE A 1 17 ? -2.225  6.357   1.542   1.00 35.99 ? 155 ILE A CG1 1 
ATOM   96  C  CG2 . ILE A 1 17 ? -0.615  5.406   3.039   1.00 38.51 ? 155 ILE A CG2 1 
ATOM   97  C  CD1 . ILE A 1 17 ? -2.435  5.101   0.853   1.00 38.79 ? 155 ILE A CD1 1 
ATOM   98  N  N   . PRO A 1 18 ? 0.921   7.607   4.556   1.00 37.09 ? 156 PRO A N   1 
ATOM   99  C  CA  . PRO A 1 18 ? 2.243   7.630   5.233   1.00 37.12 ? 156 PRO A CA  1 
ATOM   100 C  C   . PRO A 1 18 ? 3.259   6.764   4.558   1.00 37.47 ? 156 PRO A C   1 
ATOM   101 O  O   . PRO A 1 18 ? 2.895   5.761   3.964   1.00 38.02 ? 156 PRO A O   1 
ATOM   102 C  CB  . PRO A 1 18 ? 1.951   7.033   6.598   1.00 36.97 ? 156 PRO A CB  1 
ATOM   103 C  CG  . PRO A 1 18 ? 0.486   7.306   6.823   1.00 37.43 ? 156 PRO A CG  1 
ATOM   104 C  CD  . PRO A 1 18 ? -0.192  7.601   5.518   1.00 37.26 ? 156 PRO A CD  1 
ATOM   105 N  N   . GLU A 1 19 ? 4.533   7.107   4.661   1.00 38.13 ? 157 GLU A N   1 
ATOM   106 C  CA  . GLU A 1 19 ? 5.562   6.367   3.912   1.00 39.01 ? 157 GLU A CA  1 
ATOM   107 C  C   . GLU A 1 19 ? 5.563   4.833   4.108   1.00 39.26 ? 157 GLU A C   1 
ATOM   108 O  O   . GLU A 1 19 ? 5.555   4.094   3.132   1.00 39.95 ? 157 GLU A O   1 
ATOM   109 C  CB  . GLU A 1 19 ? 6.942   6.962   4.154   1.00 38.91 ? 157 GLU A CB  1 
ATOM   110 C  CG  . GLU A 1 19 ? 7.994   6.502   3.155   1.00 41.43 ? 157 GLU A CG  1 
ATOM   111 C  CD  . GLU A 1 19 ? 9.245   7.342   3.186   1.00 43.95 ? 157 GLU A CD  1 
ATOM   112 O  OE1 . GLU A 1 19 ? 9.158   8.587   3.245   1.00 49.14 ? 157 GLU A OE1 1 
ATOM   113 O  OE2 . GLU A 1 19 ? 10.326  6.764   3.133   1.00 43.90 ? 157 GLU A OE2 1 
ATOM   114 N  N   . GLU A 1 20 ? 5.545   4.387   5.366   1.00 39.58 ? 158 GLU A N   1 
ATOM   115 C  CA  . GLU A 1 20 ? 5.482   2.965   5.776   1.00 39.62 ? 158 GLU A CA  1 
ATOM   116 C  C   . GLU A 1 20 ? 4.430   2.126   5.080   1.00 38.48 ? 158 GLU A C   1 
ATOM   117 O  O   . GLU A 1 20 ? 4.733   1.053   4.569   1.00 38.91 ? 158 GLU A O   1 
ATOM   118 C  CB  . GLU A 1 20 ? 5.272   2.873   7.291   1.00 40.06 ? 158 GLU A CB  1 
ATOM   119 C  CG  . GLU A 1 20 ? 4.487   4.033   7.847   1.00 44.14 ? 158 GLU A CG  1 
ATOM   120 C  CD  . GLU A 1 20 ? 5.108   4.643   9.089   1.00 52.36 ? 158 GLU A CD  1 
ATOM   121 O  OE1 . GLU A 1 20 ? 6.306   5.018   9.045   1.00 58.39 ? 158 GLU A OE1 1 
ATOM   122 O  OE2 . GLU A 1 20 ? 4.404   4.777   10.115  1.00 55.21 ? 158 GLU A OE2 1 
ATOM   123 N  N   . PHE A 1 21 ? 3.195   2.617   5.046   1.00 37.26 ? 159 PHE A N   1 
ATOM   124 C  CA  . PHE A 1 21 ? 2.115   1.884   4.428   1.00 35.28 ? 159 PHE A CA  1 
ATOM   125 C  C   . PHE A 1 21 ? 2.214   1.944   2.945   1.00 34.15 ? 159 PHE A C   1 
ATOM   126 O  O   . PHE A 1 21 ? 1.891   0.996   2.260   1.00 34.61 ? 159 PHE A O   1 
ATOM   127 C  CB  . PHE A 1 21 ? 0.792   2.457   4.843   1.00 35.62 ? 159 PHE A CB  1 
ATOM   128 C  CG  . PHE A 1 21 ? 0.662   2.703   6.304   1.00 36.94 ? 159 PHE A CG  1 
ATOM   129 C  CD1 . PHE A 1 21 ? 1.308   1.922   7.226   1.00 38.06 ? 159 PHE A CD1 1 
ATOM   130 C  CD2 . PHE A 1 21 ? -0.180  3.687   6.765   1.00 40.86 ? 159 PHE A CD2 1 
ATOM   131 C  CE1 . PHE A 1 21 ? 1.170   2.144   8.580   1.00 38.52 ? 159 PHE A CE1 1 
ATOM   132 C  CE2 . PHE A 1 21 ? -0.333  3.911   8.121   1.00 41.56 ? 159 PHE A CE2 1 
ATOM   133 C  CZ  . PHE A 1 21 ? 0.361   3.123   9.029   1.00 40.10 ? 159 PHE A CZ  1 
ATOM   134 N  N   . ARG A 1 22 ? 2.668   3.078   2.457   1.00 32.83 ? 160 ARG A N   1 
ATOM   135 C  CA  . ARG A 1 22 ? 2.721   3.379   1.050   1.00 31.38 ? 160 ARG A CA  1 
ATOM   136 C  C   . ARG A 1 22 ? 3.645   2.410   0.363   1.00 30.61 ? 160 ARG A C   1 
ATOM   137 O  O   . ARG A 1 22 ? 3.288   1.869   -0.663  1.00 30.69 ? 160 ARG A O   1 
ATOM   138 C  CB  . ARG A 1 22 ? 3.218   4.819   0.928   1.00 31.85 ? 160 ARG A CB  1 
ATOM   139 C  CG  . ARG A 1 22 ? 3.652   5.313   -0.417  1.00 32.25 ? 160 ARG A CG  1 
ATOM   140 C  CD  . ARG A 1 22 ? 4.656   6.489   -0.298  1.00 30.96 ? 160 ARG A CD  1 
ATOM   141 N  NE  . ARG A 1 22 ? 4.147   7.571   0.518   1.00 29.05 ? 160 ARG A NE  1 
ATOM   142 C  CZ  . ARG A 1 22 ? 4.907   8.523   1.047   1.00 28.16 ? 160 ARG A CZ  1 
ATOM   143 N  NH1 . ARG A 1 22 ? 6.203   8.533   0.821   1.00 27.38 ? 160 ARG A NH1 1 
ATOM   144 N  NH2 . ARG A 1 22 ? 4.370   9.462   1.804   1.00 26.34 ? 160 ARG A NH2 1 
ATOM   145 N  N   . ILE A 1 23 ? 4.830   2.177   0.936   1.00 29.89 ? 161 ILE A N   1 
ATOM   146 C  CA  . ILE A 1 23 ? 5.819   1.248   0.361   1.00 28.51 ? 161 ILE A CA  1 
ATOM   147 C  C   . ILE A 1 23 ? 5.366   -0.209  0.372   1.00 29.58 ? 161 ILE A C   1 
ATOM   148 O  O   . ILE A 1 23 ? 5.586   -0.924  -0.613  1.00 31.01 ? 161 ILE A O   1 
ATOM   149 C  CB  . ILE A 1 23 ? 7.198   1.376   1.028   1.00 28.08 ? 161 ILE A CB  1 
ATOM   150 C  CG1 . ILE A 1 23 ? 7.628   2.835   1.055   1.00 26.74 ? 161 ILE A CG1 1 
ATOM   151 C  CG2 . ILE A 1 23 ? 8.231   0.561   0.303   1.00 26.26 ? 161 ILE A CG2 1 
ATOM   152 C  CD1 . ILE A 1 23 ? 8.973   3.048   1.428   1.00 22.45 ? 161 ILE A CD1 1 
ATOM   153 N  N   . ALA A 1 24 ? 4.749   -0.659  1.473   1.00 29.58 ? 162 ALA A N   1 
ATOM   154 C  CA  . ALA A 1 24 ? 4.154   -1.973  1.560   1.00 28.41 ? 162 ALA A CA  1 
ATOM   155 C  C   . ALA A 1 24 ? 3.116   -2.088  0.497   1.00 28.60 ? 162 ALA A C   1 
ATOM   156 O  O   . ALA A 1 24 ? 3.122   -3.028  -0.271  1.00 29.77 ? 162 ALA A O   1 
ATOM   157 C  CB  . ALA A 1 24 ? 3.542   -2.170  2.908   1.00 28.62 ? 162 ALA A CB  1 
ATOM   158 N  N   . VAL A 1 25 ? 2.209   -1.127  0.418   1.00 28.66 ? 163 VAL A N   1 
ATOM   159 C  CA  . VAL A 1 25 ? 1.191   -1.171  -0.637  1.00 28.06 ? 163 VAL A CA  1 
ATOM   160 C  C   . VAL A 1 25 ? 1.755   -1.119  -2.063  1.00 28.63 ? 163 VAL A C   1 
ATOM   161 O  O   . VAL A 1 25 ? 1.316   -1.861  -2.921  1.00 30.10 ? 163 VAL A O   1 
ATOM   162 C  CB  . VAL A 1 25 ? 0.108   -0.108  -0.465  1.00 27.57 ? 163 VAL A CB  1 
ATOM   163 C  CG1 . VAL A 1 25 ? -0.898  -0.219  -1.538  1.00 27.51 ? 163 VAL A CG1 1 
ATOM   164 C  CG2 . VAL A 1 25 ? -0.575  -0.263  0.810   1.00 26.12 ? 163 VAL A CG2 1 
ATOM   165 N  N   . TYR A 1 26 ? 2.710   -0.251  -2.339  1.00 29.05 ? 164 TYR A N   1 
ATOM   166 C  CA  . TYR A 1 26 ? 3.217   -0.203  -3.677  1.00 29.46 ? 164 TYR A CA  1 
ATOM   167 C  C   . TYR A 1 26 ? 3.841   -1.510  -4.001  1.00 29.90 ? 164 TYR A C   1 
ATOM   168 O  O   . TYR A 1 26 ? 3.506   -2.107  -4.982  1.00 31.11 ? 164 TYR A O   1 
ATOM   169 C  CB  . TYR A 1 26 ? 4.222   0.912   -3.876  1.00 29.67 ? 164 TYR A CB  1 
ATOM   170 C  CG  . TYR A 1 26 ? 4.566   1.124   -5.346  1.00 30.71 ? 164 TYR A CG  1 
ATOM   171 C  CD1 . TYR A 1 26 ? 5.403   0.264   -6.009  1.00 30.66 ? 164 TYR A CD1 1 
ATOM   172 C  CD2 . TYR A 1 26 ? 4.078   2.231   -6.064  1.00 32.32 ? 164 TYR A CD2 1 
ATOM   173 C  CE1 . TYR A 1 26 ? 5.731   0.475   -7.358  1.00 33.60 ? 164 TYR A CE1 1 
ATOM   174 C  CE2 . TYR A 1 26 ? 4.411   2.441   -7.411  1.00 31.97 ? 164 TYR A CE2 1 
ATOM   175 C  CZ  . TYR A 1 26 ? 5.227   1.558   -8.045  1.00 33.64 ? 164 TYR A CZ  1 
ATOM   176 O  OH  . TYR A 1 26 ? 5.570   1.714   -9.373  1.00 37.57 ? 164 TYR A OH  1 
ATOM   177 N  N   . LEU A 1 27 ? 4.764   -1.960  -3.175  1.00 30.27 ? 165 LEU A N   1 
ATOM   178 C  CA  . LEU A 1 27 ? 5.442   -3.208  -3.422  1.00 30.06 ? 165 LEU A CA  1 
ATOM   179 C  C   . LEU A 1 27 ? 4.471   -4.386  -3.577  1.00 30.88 ? 165 LEU A C   1 
ATOM   180 O  O   . LEU A 1 27 ? 4.656   -5.194  -4.455  1.00 31.14 ? 165 LEU A O   1 
ATOM   181 C  CB  . LEU A 1 27 ? 6.410   -3.481  -2.284  1.00 29.69 ? 165 LEU A CB  1 
ATOM   182 C  CG  . LEU A 1 27 ? 7.690   -2.702  -2.101  1.00 28.11 ? 165 LEU A CG  1 
ATOM   183 C  CD1 . LEU A 1 27 ? 8.424   -3.146  -0.852  1.00 21.44 ? 165 LEU A CD1 1 
ATOM   184 C  CD2 . LEU A 1 27 ? 8.571   -2.874  -3.385  1.00 27.84 ? 165 LEU A CD2 1 
ATOM   185 N  N   . ALA A 1 28 ? 3.446   -4.491  -2.735  1.00 31.63 ? 166 ALA A N   1 
ATOM   186 C  CA  . ALA A 1 28 ? 2.475   -5.579  -2.856  1.00 32.82 ? 166 ALA A CA  1 
ATOM   187 C  C   . ALA A 1 28 ? 1.534   -5.448  -4.050  1.00 34.36 ? 166 ALA A C   1 
ATOM   188 O  O   . ALA A 1 28 ? 1.384   -6.362  -4.853  1.00 35.25 ? 166 ALA A O   1 
ATOM   189 C  CB  . ALA A 1 28 ? 1.675   -5.713  -1.579  1.00 32.32 ? 166 ALA A CB  1 
ATOM   190 N  N   . ASP A 1 29 ? 0.911   -4.287  -4.180  1.00 35.92 ? 167 ASP A N   1 
ATOM   191 C  CA  . ASP A 1 29 ? -0.176  -4.109  -5.100  1.00 36.93 ? 167 ASP A CA  1 
ATOM   192 C  C   . ASP A 1 29 ? 0.170   -3.460  -6.432  1.00 37.72 ? 167 ASP A C   1 
ATOM   193 O  O   . ASP A 1 29 ? -0.478  -3.721  -7.442  1.00 38.53 ? 167 ASP A O   1 
ATOM   194 C  CB  . ASP A 1 29 ? -1.255  -3.357  -4.394  1.00 37.20 ? 167 ASP A CB  1 
ATOM   195 C  CG  . ASP A 1 29 ? -1.818  -4.145  -3.275  1.00 38.65 ? 167 ASP A CG  1 
ATOM   196 O  OD1 . ASP A 1 29 ? -1.722  -5.391  -3.347  1.00 42.94 ? 167 ASP A OD1 1 
ATOM   197 O  OD2 . ASP A 1 29 ? -2.342  -3.545  -2.326  1.00 39.55 ? 167 ASP A OD2 1 
ATOM   198 N  N   . VAL A 1 30 ? 1.206   -2.641  -6.462  1.00 37.86 ? 168 VAL A N   1 
ATOM   199 C  CA  . VAL A 1 30 ? 1.698   -2.199  -7.740  1.00 36.87 ? 168 VAL A CA  1 
ATOM   200 C  C   . VAL A 1 30 ? 2.762   -3.146  -8.312  1.00 37.80 ? 168 VAL A C   1 
ATOM   201 O  O   . VAL A 1 30 ? 2.638   -3.557  -9.439  1.00 38.67 ? 168 VAL A O   1 
ATOM   202 C  CB  . VAL A 1 30 ? 2.105   -0.757  -7.684  1.00 36.50 ? 168 VAL A CB  1 
ATOM   203 C  CG1 . VAL A 1 30 ? 2.603   -0.315  -9.013  1.00 36.48 ? 168 VAL A CG1 1 
ATOM   204 C  CG2 . VAL A 1 30 ? 0.924   0.068   -7.256  1.00 33.74 ? 168 VAL A CG2 1 
ATOM   205 N  N   . GLU A 1 31 ? 3.768   -3.537  -7.543  1.00 38.26 ? 169 GLU A N   1 
ATOM   206 C  CA  . GLU A 1 31 ? 4.840   -4.384  -8.065  1.00 39.25 ? 169 GLU A CA  1 
ATOM   207 C  C   . GLU A 1 31 ? 4.623   -5.890  -7.986  1.00 39.54 ? 169 GLU A C   1 
ATOM   208 O  O   . GLU A 1 31 ? 5.390   -6.651  -8.584  1.00 41.12 ? 169 GLU A O   1 
ATOM   209 C  CB  . GLU A 1 31 ? 6.149   -4.088  -7.349  1.00 39.90 ? 169 GLU A CB  1 
ATOM   210 C  CG  . GLU A 1 31 ? 6.897   -2.848  -7.806  1.00 43.45 ? 169 GLU A CG  1 
ATOM   211 C  CD  . GLU A 1 31 ? 7.484   -2.994  -9.188  1.00 49.11 ? 169 GLU A CD  1 
ATOM   212 O  OE1 . GLU A 1 31 ? 8.108   -4.042  -9.487  1.00 52.14 ? 169 GLU A OE1 1 
ATOM   213 O  OE2 . GLU A 1 31 ? 7.324   -2.049  -9.982  1.00 53.97 ? 169 GLU A OE2 1 
ATOM   214 N  N   . GLY A 1 32 ? 3.631   -6.353  -7.233  1.00 39.51 ? 170 GLY A N   1 
ATOM   215 C  CA  . GLY A 1 32 ? 3.321   -7.782  -7.162  1.00 38.94 ? 170 GLY A CA  1 
ATOM   216 C  C   . GLY A 1 32 ? 4.273   -8.661  -6.362  1.00 39.09 ? 170 GLY A C   1 
ATOM   217 O  O   . GLY A 1 32 ? 4.352   -9.869  -6.574  1.00 39.71 ? 170 GLY A O   1 
ATOM   218 N  N   . PHE A 1 33 ? 5.004   -8.052  -5.440  1.00 38.87 ? 171 PHE A N   1 
ATOM   219 C  CA  . PHE A 1 33 ? 5.846   -8.773  -4.528  1.00 37.72 ? 171 PHE A CA  1 
ATOM   220 C  C   . PHE A 1 33 ? 5.017   -9.554  -3.522  1.00 37.90 ? 171 PHE A C   1 
ATOM   221 O  O   . PHE A 1 33 ? 3.843   -9.280  -3.326  1.00 37.77 ? 171 PHE A O   1 
ATOM   222 C  CB  . PHE A 1 33 ? 6.763   -7.822  -3.818  1.00 37.00 ? 171 PHE A CB  1 
ATOM   223 C  CG  . PHE A 1 33 ? 7.985   -7.548  -4.542  1.00 36.21 ? 171 PHE A CG  1 
ATOM   224 C  CD1 . PHE A 1 33 ? 8.960   -8.489  -4.618  1.00 38.39 ? 171 PHE A CD1 1 
ATOM   225 C  CD2 . PHE A 1 33 ? 8.175   -6.336  -5.150  1.00 38.10 ? 171 PHE A CD2 1 
ATOM   226 C  CE1 . PHE A 1 33 ? 10.113  -8.231  -5.313  1.00 41.75 ? 171 PHE A CE1 1 
ATOM   227 C  CE2 . PHE A 1 33 ? 9.318   -6.051  -5.839  1.00 37.89 ? 171 PHE A CE2 1 
ATOM   228 C  CZ  . PHE A 1 33 ? 10.292  -6.988  -5.933  1.00 40.79 ? 171 PHE A CZ  1 
ATOM   229 N  N   . ALA A 1 34 ? 5.648   -10.563 -2.927  1.00 38.08 ? 172 ALA A N   1 
ATOM   230 C  CA  . ALA A 1 34 ? 5.007   -11.478 -2.029  1.00 37.74 ? 172 ALA A CA  1 
ATOM   231 C  C   . ALA A 1 34 ? 5.296   -10.904 -0.675  1.00 37.69 ? 172 ALA A C   1 
ATOM   232 O  O   . ALA A 1 34 ? 6.360   -10.365 -0.487  1.00 37.69 ? 172 ALA A O   1 
ATOM   233 C  CB  . ALA A 1 34 ? 5.637   -12.854 -2.165  1.00 37.45 ? 172 ALA A CB  1 
ATOM   234 N  N   . TYR A 1 35 ? 4.360   -11.017 0.271   1.00 37.78 ? 173 TYR A N   1 
ATOM   235 C  CA  . TYR A 1 35 ? 4.574   -10.472 1.613   1.00 37.86 ? 173 TYR A CA  1 
ATOM   236 C  C   . TYR A 1 35 ? 5.935   -10.871 2.183   1.00 37.96 ? 173 TYR A C   1 
ATOM   237 O  O   . TYR A 1 35 ? 6.590   -10.073 2.815   1.00 38.55 ? 173 TYR A O   1 
ATOM   238 C  CB  . TYR A 1 35 ? 3.446   -10.862 2.562   1.00 37.34 ? 173 TYR A CB  1 
ATOM   239 C  CG  . TYR A 1 35 ? 2.051   -10.433 2.138   1.00 37.14 ? 173 TYR A CG  1 
ATOM   240 C  CD1 . TYR A 1 35 ? 1.787   -9.864  0.870   1.00 37.34 ? 173 TYR A CD1 1 
ATOM   241 C  CD2 . TYR A 1 35 ? 0.976   -10.633 2.990   1.00 36.78 ? 173 TYR A CD2 1 
ATOM   242 C  CE1 . TYR A 1 35 ? 0.454   -9.471  0.477   1.00 36.72 ? 173 TYR A CE1 1 
ATOM   243 C  CE2 . TYR A 1 35 ? -0.332  -10.253 2.624   1.00 38.16 ? 173 TYR A CE2 1 
ATOM   244 C  CZ  . TYR A 1 35 ? -0.590  -9.675  1.378   1.00 39.02 ? 173 TYR A CZ  1 
ATOM   245 O  OH  . TYR A 1 35 ? -1.908  -9.376  1.061   1.00 40.80 ? 173 TYR A OH  1 
ATOM   246 N  N   . LYS A 1 36 ? 6.380   -12.092 1.922   1.00 38.08 ? 174 LYS A N   1 
ATOM   247 C  CA  . LYS A 1 36 ? 7.679   -12.543 2.400   1.00 38.14 ? 174 LYS A CA  1 
ATOM   248 C  C   . LYS A 1 36 ? 8.831   -11.877 1.716   1.00 37.21 ? 174 LYS A C   1 
ATOM   249 O  O   . LYS A 1 36 ? 9.870   -11.775 2.290   1.00 37.82 ? 174 LYS A O   1 
ATOM   250 C  CB  . LYS A 1 36 ? 7.821   -14.069 2.317   1.00 38.21 ? 174 LYS A CB  1 
ATOM   251 C  CG  . LYS A 1 36 ? 7.627   -14.643 0.938   1.00 40.91 ? 174 LYS A CG  1 
ATOM   252 C  CD  . LYS A 1 36 ? 7.659   -16.169 0.919   1.00 43.78 ? 174 LYS A CD  1 
ATOM   253 C  CE  . LYS A 1 36 ? 7.536   -16.721 -0.480  1.00 45.17 ? 174 LYS A CE  1 
ATOM   254 N  NZ  . LYS A 1 36 ? 8.850   -16.572 -1.152  1.00 48.58 ? 174 LYS A NZ  1 
ATOM   255 N  N   . GLU A 1 37 ? 8.674   -11.452 0.484   1.00 36.98 ? 175 GLU A N   1 
ATOM   256 C  CA  . GLU A 1 37 ? 9.756   -10.742 -0.174  1.00 37.44 ? 175 GLU A CA  1 
ATOM   257 C  C   . GLU A 1 37 ? 9.763   -9.284  0.273   1.00 36.21 ? 175 GLU A C   1 
ATOM   258 O  O   . GLU A 1 37 ? 10.818  -8.696  0.447   1.00 37.06 ? 175 GLU A O   1 
ATOM   259 C  CB  . GLU A 1 37 ? 9.673   -10.816 -1.691  1.00 38.25 ? 175 GLU A CB  1 
ATOM   260 C  CG  . GLU A 1 37 ? 9.446   -12.184 -2.293  1.00 43.03 ? 175 GLU A CG  1 
ATOM   261 C  CD  . GLU A 1 37 ? 9.104   -12.087 -3.786  1.00 50.78 ? 175 GLU A CD  1 
ATOM   262 O  OE1 . GLU A 1 37 ? 7.904   -12.020 -4.148  1.00 50.79 ? 175 GLU A OE1 1 
ATOM   263 O  OE2 . GLU A 1 37 ? 10.053  -12.039 -4.609  1.00 56.22 ? 175 GLU A OE2 1 
ATOM   264 N  N   . ILE A 1 38 ? 8.586   -8.723  0.497   1.00 34.44 ? 176 ILE A N   1 
ATOM   265 C  CA  . ILE A 1 38 ? 8.449   -7.396  1.032   1.00 32.59 ? 176 ILE A CA  1 
ATOM   266 C  C   . ILE A 1 38 ? 8.995   -7.315  2.430   1.00 31.64 ? 176 ILE A C   1 
ATOM   267 O  O   . ILE A 1 38 ? 9.505   -6.313  2.825   1.00 31.83 ? 176 ILE A O   1 
ATOM   268 C  CB  . ILE A 1 38 ? 7.002   -6.994  1.092   1.00 33.25 ? 176 ILE A CB  1 
ATOM   269 C  CG1 . ILE A 1 38 ? 6.318   -7.111  -0.264  1.00 32.66 ? 176 ILE A CG1 1 
ATOM   270 C  CG2 . ILE A 1 38 ? 6.858   -5.595  1.558   1.00 32.09 ? 176 ILE A CG2 1 
ATOM   271 C  CD1 . ILE A 1 38 ? 4.775   -6.833  -0.146  1.00 32.46 ? 176 ILE A CD1 1 
ATOM   272 N  N   . ALA A 1 39 ? 8.895   -8.384  3.191   1.00 31.90 ? 177 ALA A N   1 
ATOM   273 C  CA  . ALA A 1 39 ? 9.500   -8.439  4.544   1.00 31.15 ? 177 ALA A CA  1 
ATOM   274 C  C   . ALA A 1 39 ? 11.036  -8.354  4.518   1.00 30.80 ? 177 ALA A C   1 
ATOM   275 O  O   . ALA A 1 39 ? 11.623  -7.757  5.382   1.00 30.63 ? 177 ALA A O   1 
ATOM   276 C  CB  . ALA A 1 39 ? 9.012   -9.672  5.296   1.00 30.35 ? 177 ALA A CB  1 
ATOM   277 N  N   . ASP A 1 40 ? 11.654  -8.922  3.486   1.00 31.48 ? 178 ASP A N   1 
ATOM   278 C  CA  . ASP A 1 40 ? 13.074  -8.816  3.193   1.00 32.04 ? 178 ASP A CA  1 
ATOM   279 C  C   . ASP A 1 40 ? 13.476  -7.421  2.760   1.00 31.48 ? 178 ASP A C   1 
ATOM   280 O  O   . ASP A 1 40 ? 14.468  -6.892  3.236   1.00 32.58 ? 178 ASP A O   1 
ATOM   281 C  CB  . ASP A 1 40 ? 13.462  -9.777  2.057   1.00 33.23 ? 178 ASP A CB  1 
ATOM   282 C  CG  . ASP A 1 40 ? 13.488  -11.252 2.485   1.00 36.35 ? 178 ASP A CG  1 
ATOM   283 O  OD1 . ASP A 1 40 ? 13.747  -11.524 3.678   1.00 39.55 ? 178 ASP A OD1 1 
ATOM   284 O  OD2 . ASP A 1 40 ? 13.248  -12.136 1.622   1.00 39.94 ? 178 ASP A OD2 1 
ATOM   285 N  N   . ILE A 1 41 ? 12.743  -6.856  1.814   1.00 30.28 ? 179 ILE A N   1 
ATOM   286 C  CA  . ILE A 1 41 ? 12.966  -5.493  1.375   1.00 28.76 ? 179 ILE A CA  1 
ATOM   287 C  C   . ILE A 1 41 ? 12.892  -4.540  2.552   1.00 28.33 ? 179 ILE A C   1 
ATOM   288 O  O   . ILE A 1 41 ? 13.805  -3.759  2.777   1.00 28.78 ? 179 ILE A O   1 
ATOM   289 C  CB  . ILE A 1 41 ? 11.988  -5.068  0.240   1.00 28.84 ? 179 ILE A CB  1 
ATOM   290 C  CG1 . ILE A 1 41 ? 12.311  -5.849  -1.031  1.00 26.32 ? 179 ILE A CG1 1 
ATOM   291 C  CG2 . ILE A 1 41 ? 12.142  -3.582  -0.066  1.00 29.19 ? 179 ILE A CG2 1 
ATOM   292 C  CD1 . ILE A 1 41 ? 11.203  -6.085  -1.927  1.00 21.24 ? 179 ILE A CD1 1 
HETATM 293 N  N   . MSE A 1 42 ? 11.820  -4.616  3.326   1.00 27.43 ? 180 MSE A N   1 
HETATM 294 C  CA  . MSE A 1 42 ? 11.619  -3.648  4.382   1.00 25.81 ? 180 MSE A CA  1 
HETATM 295 C  C   . MSE A 1 42 ? 12.386  -3.992  5.651   1.00 26.66 ? 180 MSE A C   1 
HETATM 296 O  O   . MSE A 1 42 ? 12.511  -3.186  6.542   1.00 28.47 ? 180 MSE A O   1 
HETATM 297 C  CB  . MSE A 1 42 ? 10.129  -3.558  4.706   1.00 20.00 ? 180 MSE A CB  1 
HETATM 298 C  CG  . MSE A 1 42 ? 9.293   -2.972  3.580   1.00 20.00 ? 180 MSE A CG  1 
HETATM 299 SE SE  . MSE A 1 42 ? 7.486   -2.553  4.067   1.00 20.00 ? 180 MSE A SE  1 
HETATM 300 C  CE  . MSE A 1 42 ? 7.124   -1.232  2.680   1.00 20.00 ? 180 MSE A CE  1 
ATOM   301 N  N   . GLY A 1 43 ? 12.930  -5.185  5.753   1.00 27.66 ? 181 GLY A N   1 
ATOM   302 C  CA  . GLY A 1 43 ? 13.573  -5.583  6.981   1.00 28.46 ? 181 GLY A CA  1 
ATOM   303 C  C   . GLY A 1 43 ? 12.682  -5.522  8.190   1.00 30.23 ? 181 GLY A C   1 
ATOM   304 O  O   . GLY A 1 43 ? 13.102  -5.004  9.229   1.00 31.43 ? 181 GLY A O   1 
ATOM   305 N  N   . THR A 1 44 ? 11.452  -6.048  8.066   1.00 31.39 ? 182 THR A N   1 
ATOM   306 C  CA  . THR A 1 44 ? 10.440  -6.140  9.159   1.00 31.69 ? 182 THR A CA  1 
ATOM   307 C  C   . THR A 1 44 ? 9.797   -7.521  9.144   1.00 32.29 ? 182 THR A C   1 
ATOM   308 O  O   . THR A 1 44 ? 9.707   -8.119  8.107   1.00 33.98 ? 182 THR A O   1 
ATOM   309 C  CB  . THR A 1 44 ? 9.268   -5.101  9.006   1.00 30.52 ? 182 THR A CB  1 
ATOM   310 O  OG1 . THR A 1 44 ? 8.545   -5.362  7.818   1.00 29.99 ? 182 THR A OG1 1 
ATOM   311 C  CG2 . THR A 1 44 ? 9.784   -3.757  8.901   1.00 30.77 ? 182 THR A CG2 1 
ATOM   312 N  N   . PRO A 1 45 ? 9.340   -8.029  10.286  1.00 32.58 ? 183 PRO A N   1 
ATOM   313 C  CA  . PRO A 1 45 ? 8.567   -9.247  10.328  1.00 32.42 ? 183 PRO A CA  1 
ATOM   314 C  C   . PRO A 1 45 ? 7.461   -9.194  9.345   1.00 32.87 ? 183 PRO A C   1 
ATOM   315 O  O   . PRO A 1 45 ? 6.783   -8.219  9.266   1.00 33.04 ? 183 PRO A O   1 
ATOM   316 C  CB  . PRO A 1 45 ? 7.907   -9.169  11.690  1.00 32.58 ? 183 PRO A CB  1 
ATOM   317 C  CG  . PRO A 1 45 ? 8.847   -8.446  12.537  1.00 32.27 ? 183 PRO A CG  1 
ATOM   318 C  CD  . PRO A 1 45 ? 9.677   -7.555  11.640  1.00 32.83 ? 183 PRO A CD  1 
ATOM   319 N  N   . ILE A 1 46 ? 7.241   -10.281 8.641   1.00 34.30 ? 184 ILE A N   1 
ATOM   320 C  CA  . ILE A 1 46 ? 6.147   -10.405 7.690   1.00 34.84 ? 184 ILE A CA  1 
ATOM   321 C  C   . ILE A 1 46 ? 4.823   -10.001 8.274   1.00 34.98 ? 184 ILE A C   1 
ATOM   322 O  O   . ILE A 1 46 ? 3.900   -9.706  7.519   1.00 36.50 ? 184 ILE A O   1 
ATOM   323 C  CB  . ILE A 1 46 ? 6.028   -11.844 7.206   1.00 34.98 ? 184 ILE A CB  1 
ATOM   324 C  CG1 . ILE A 1 46 ? 5.702   -11.911 5.751   1.00 35.76 ? 184 ILE A CG1 1 
ATOM   325 C  CG2 . ILE A 1 46 ? 4.882   -12.520 7.841   1.00 36.01 ? 184 ILE A CG2 1 
ATOM   326 C  CD1 . ILE A 1 46 ? 4.410   -12.518 5.535   1.00 36.35 ? 184 ILE A CD1 1 
ATOM   327 N  N   . GLY A 1 47 ? 4.696   -10.040 9.577   1.00 34.68 ? 185 GLY A N   1 
ATOM   328 C  CA  . GLY A 1 47 ? 3.439   -9.756  10.192  1.00 33.74 ? 185 GLY A CA  1 
ATOM   329 C  C   . GLY A 1 47 ? 3.300   -8.294  10.332  1.00 34.20 ? 185 GLY A C   1 
ATOM   330 O  O   . GLY A 1 47 ? 2.250   -7.798  10.493  1.00 34.24 ? 185 GLY A O   1 
ATOM   331 N  N   . THR A 1 48 ? 4.404   -7.600  10.245  1.00 35.12 ? 186 THR A N   1 
ATOM   332 C  CA  . THR A 1 48 ? 4.401   -6.176  10.283  1.00 35.45 ? 186 THR A CA  1 
ATOM   333 C  C   . THR A 1 48 ? 4.110   -5.656  8.902   1.00 35.10 ? 186 THR A C   1 
ATOM   334 O  O   . THR A 1 48 ? 3.565   -4.645  8.736   1.00 36.21 ? 186 THR A O   1 
ATOM   335 C  CB  . THR A 1 48 ? 5.724   -5.706  10.723  1.00 35.25 ? 186 THR A CB  1 
ATOM   336 O  OG1 . THR A 1 48 ? 5.977   -6.230  12.002  1.00 37.32 ? 186 THR A OG1 1 
ATOM   337 C  CG2 . THR A 1 48 ? 5.716   -4.263  10.852  1.00 37.72 ? 186 THR A CG2 1 
ATOM   338 N  N   . VAL A 1 49 ? 4.469   -6.403  7.908   1.00 35.18 ? 187 VAL A N   1 
ATOM   339 C  CA  . VAL A 1 49 ? 4.233   -6.031  6.570   1.00 34.89 ? 187 VAL A CA  1 
ATOM   340 C  C   . VAL A 1 49 ? 2.775   -6.120  6.308   1.00 36.35 ? 187 VAL A C   1 
ATOM   341 O  O   . VAL A 1 49 ? 2.256   -5.402  5.531   1.00 38.03 ? 187 VAL A O   1 
ATOM   342 C  CB  . VAL A 1 49 ? 4.924   -7.012  5.679   1.00 33.78 ? 187 VAL A CB  1 
ATOM   343 C  CG1 . VAL A 1 49 ? 4.376   -6.930  4.344   1.00 33.75 ? 187 VAL A CG1 1 
ATOM   344 C  CG2 . VAL A 1 49 ? 6.358   -6.755  5.676   1.00 31.46 ? 187 VAL A CG2 1 
HETATM 345 N  N   . MSE A 1 50 ? 2.116   -7.026  6.982   1.00 37.15 ? 188 MSE A N   1 
HETATM 346 C  CA  . MSE A 1 50 ? 0.728   -7.308  6.767   1.00 37.40 ? 188 MSE A CA  1 
HETATM 347 C  C   . MSE A 1 50 ? -0.141  -6.303  7.445   1.00 36.93 ? 188 MSE A C   1 
HETATM 348 O  O   . MSE A 1 50 ? -1.195  -6.009  7.019   1.00 37.49 ? 188 MSE A O   1 
HETATM 349 C  CB  . MSE A 1 50 ? 0.411   -8.652  7.372   1.00 20.00 ? 188 MSE A CB  1 
HETATM 350 C  CG  . MSE A 1 50 ? 0.800   -9.821  6.554   1.00 20.00 ? 188 MSE A CG  1 
HETATM 351 SE SE  . MSE A 1 50 ? 0.316   -11.525 7.264   1.00 20.00 ? 188 MSE A SE  1 
HETATM 352 C  CE  . MSE A 1 50 ? 0.971   -12.524 5.847   1.00 20.00 ? 188 MSE A CE  1 
ATOM   353 N  N   . SER A 1 51 ? 0.319   -5.792  8.545   1.00 36.90 ? 189 SER A N   1 
ATOM   354 C  CA  . SER A 1 51 ? -0.405  -4.820  9.285   1.00 37.19 ? 189 SER A CA  1 
ATOM   355 C  C   . SER A 1 51 ? -0.321  -3.473  8.600   1.00 37.32 ? 189 SER A C   1 
ATOM   356 O  O   . SER A 1 51 ? -1.236  -2.706  8.653   1.00 39.46 ? 189 SER A O   1 
ATOM   357 C  CB  . SER A 1 51 ? 0.149   -4.785  10.694  1.00 36.78 ? 189 SER A CB  1 
ATOM   358 O  OG  . SER A 1 51 ? 0.152   -3.509  11.229  1.00 39.72 ? 189 SER A OG  1 
ATOM   359 N  N   . ARG A 1 52 ? 0.773   -3.194  7.923   1.00 36.32 ? 190 ARG A N   1 
ATOM   360 C  CA  . ARG A 1 52 ? 0.884   -2.001  7.151   1.00 35.28 ? 190 ARG A CA  1 
ATOM   361 C  C   . ARG A 1 52 ? 0.135   -2.084  5.866   1.00 35.56 ? 190 ARG A C   1 
ATOM   362 O  O   . ARG A 1 52 ? -0.291  -1.112  5.363   1.00 35.70 ? 190 ARG A O   1 
ATOM   363 C  CB  . ARG A 1 52 ? 2.316   -1.742  6.835   1.00 34.97 ? 190 ARG A CB  1 
ATOM   364 C  CG  . ARG A 1 52 ? 3.155   -1.757  7.995   1.00 32.91 ? 190 ARG A CG  1 
ATOM   365 C  CD  . ARG A 1 52 ? 4.487   -1.392  7.640   1.00 29.96 ? 190 ARG A CD  1 
ATOM   366 N  NE  . ARG A 1 52 ? 5.184   -0.956  8.803   1.00 29.65 ? 190 ARG A NE  1 
ATOM   367 C  CZ  . ARG A 1 52 ? 6.457   -0.675  8.808   1.00 30.15 ? 190 ARG A CZ  1 
ATOM   368 N  NH1 . ARG A 1 52 ? 7.155   -0.796  7.724   1.00 29.84 ? 190 ARG A NH1 1 
ATOM   369 N  NH2 . ARG A 1 52 ? 7.022   -0.281  9.901   1.00 32.30 ? 190 ARG A NH2 1 
ATOM   370 N  N   . LEU A 1 53 ? -0.007  -3.254  5.312   1.00 35.93 ? 191 LEU A N   1 
ATOM   371 C  CA  . LEU A 1 53 ? -0.808  -3.386  4.133   1.00 37.02 ? 191 LEU A CA  1 
ATOM   372 C  C   . LEU A 1 53 ? -2.267  -3.168  4.396   1.00 38.14 ? 191 LEU A C   1 
ATOM   373 O  O   . LEU A 1 53 ? -2.965  -2.674  3.528   1.00 39.23 ? 191 LEU A O   1 
ATOM   374 C  CB  . LEU A 1 53 ? -0.638  -4.766  3.548   1.00 36.70 ? 191 LEU A CB  1 
ATOM   375 C  CG  . LEU A 1 53 ? 0.593   -4.925  2.703   1.00 36.37 ? 191 LEU A CG  1 
ATOM   376 C  CD1 . LEU A 1 53 ? 0.768   -6.364  2.490   1.00 36.77 ? 191 LEU A CD1 1 
ATOM   377 C  CD2 . LEU A 1 53 ? 0.403   -4.214  1.393   1.00 35.91 ? 191 LEU A CD2 1 
ATOM   378 N  N   . HIS A 1 54 ? -2.733  -3.598  5.562   1.00 39.29 ? 192 HIS A N   1 
ATOM   379 C  CA  . HIS A 1 54 ? -4.122  -3.429  5.997   1.00 40.63 ? 192 HIS A CA  1 
ATOM   380 C  C   . HIS A 1 54 ? -4.385  -1.956  6.278   1.00 40.17 ? 192 HIS A C   1 
ATOM   381 O  O   . HIS A 1 54 ? -5.317  -1.411  5.767   1.00 39.88 ? 192 HIS A O   1 
ATOM   382 C  CB  . HIS A 1 54 ? -4.443  -4.339  7.224   1.00 41.63 ? 192 HIS A CB  1 
ATOM   383 C  CG  . HIS A 1 54 ? -5.641  -3.907  8.052   1.00 46.34 ? 192 HIS A CG  1 
ATOM   384 N  ND1 . HIS A 1 54 ? -6.944  -4.279  7.760   1.00 49.01 ? 192 HIS A ND1 1 
ATOM   385 C  CD2 . HIS A 1 54 ? -5.717  -3.162  9.190   1.00 49.30 ? 192 HIS A CD2 1 
ATOM   386 C  CE1 . HIS A 1 54 ? -7.764  -3.745  8.650   1.00 49.20 ? 192 HIS A CE1 1 
ATOM   387 N  NE2 . HIS A 1 54 ? -7.046  -3.057  9.524   1.00 49.07 ? 192 HIS A NE2 1 
ATOM   388 N  N   . ARG A 1 55 ? -3.562  -1.302  7.086   1.00 40.67 ? 193 ARG A N   1 
ATOM   389 C  CA  . ARG A 1 55 ? -3.761  0.122   7.352   1.00 41.00 ? 193 ARG A CA  1 
ATOM   390 C  C   . ARG A 1 55 ? -3.715  0.898   6.063   1.00 40.48 ? 193 ARG A C   1 
ATOM   391 O  O   . ARG A 1 55 ? -4.602  1.676   5.802   1.00 41.65 ? 193 ARG A O   1 
ATOM   392 C  CB  . ARG A 1 55 ? -2.720  0.668   8.310   1.00 41.36 ? 193 ARG A CB  1 
ATOM   393 C  CG  . ARG A 1 55 ? -2.347  -0.310  9.377   1.00 43.86 ? 193 ARG A CG  1 
ATOM   394 C  CD  . ARG A 1 55 ? -3.045  -0.026  10.651  1.00 48.51 ? 193 ARG A CD  1 
ATOM   395 N  NE  . ARG A 1 55 ? -2.498  1.144   11.310  1.00 51.49 ? 193 ARG A NE  1 
ATOM   396 C  CZ  . ARG A 1 55 ? -1.375  1.146   12.025  1.00 55.07 ? 193 ARG A CZ  1 
ATOM   397 N  NH1 . ARG A 1 55 ? -0.647  0.031   12.158  1.00 55.50 ? 193 ARG A NH1 1 
ATOM   398 N  NH2 . ARG A 1 55 ? -0.966  2.287   12.592  1.00 56.31 ? 193 ARG A NH2 1 
ATOM   399 N  N   . GLY A 1 56 ? -2.698  0.649   5.256   1.00 39.76 ? 194 GLY A N   1 
ATOM   400 C  CA  . GLY A 1 56 ? -2.539  1.254   3.956   1.00 39.07 ? 194 GLY A CA  1 
ATOM   401 C  C   . GLY A 1 56 ? -3.660  1.087   2.962   1.00 38.49 ? 194 GLY A C   1 
ATOM   402 O  O   . GLY A 1 56 ? -4.065  2.048   2.367   1.00 39.50 ? 194 GLY A O   1 
ATOM   403 N  N   . ARG A 1 57 ? -4.134  -0.125  2.746   1.00 38.73 ? 195 ARG A N   1 
ATOM   404 C  CA  . ARG A 1 57 ? -5.331  -0.374  1.939   1.00 38.69 ? 195 ARG A CA  1 
ATOM   405 C  C   . ARG A 1 57 ? -6.616  0.189   2.523   1.00 39.67 ? 195 ARG A C   1 
ATOM   406 O  O   . ARG A 1 57 ? -7.531  0.485   1.800   1.00 40.41 ? 195 ARG A O   1 
ATOM   407 C  CB  . ARG A 1 57 ? -5.512  -1.861  1.742   1.00 38.13 ? 195 ARG A CB  1 
ATOM   408 C  CG  . ARG A 1 57 ? -4.534  -2.444  0.849   1.00 37.42 ? 195 ARG A CG  1 
ATOM   409 C  CD  . ARG A 1 57 ? -4.326  -3.837  1.179   1.00 37.72 ? 195 ARG A CD  1 
ATOM   410 N  NE  . ARG A 1 57 ? -3.588  -4.506  0.126   1.00 39.50 ? 195 ARG A NE  1 
ATOM   411 C  CZ  . ARG A 1 57 ? -3.188  -5.767  0.189   1.00 39.68 ? 195 ARG A CZ  1 
ATOM   412 N  NH1 . ARG A 1 57 ? -3.446  -6.492  1.268   1.00 38.07 ? 195 ARG A NH1 1 
ATOM   413 N  NH2 . ARG A 1 57 ? -2.518  -6.293  -0.824  1.00 39.73 ? 195 ARG A NH2 1 
ATOM   414 N  N   . ARG A 1 58 ? -6.701  0.310   3.834   1.00 41.38 ? 196 ARG A N   1 
ATOM   415 C  CA  . ARG A 1 58 ? -7.856  0.910   4.488   1.00 43.22 ? 196 ARG A CA  1 
ATOM   416 C  C   . ARG A 1 58 ? -8.003  2.351   4.024   1.00 42.88 ? 196 ARG A C   1 
ATOM   417 O  O   . ARG A 1 58 ? -9.036  2.707   3.501   1.00 43.58 ? 196 ARG A O   1 
ATOM   418 C  CB  . ARG A 1 58 ? -7.703  0.871   6.013   1.00 43.89 ? 196 ARG A CB  1 
ATOM   419 C  CG  . ARG A 1 58 ? -8.960  0.480   6.753   1.00 48.56 ? 196 ARG A CG  1 
ATOM   420 C  CD  . ARG A 1 58 ? -8.924  1.002   8.195   1.00 58.37 ? 196 ARG A CD  1 
ATOM   421 N  NE  . ARG A 1 58 ? -9.985  0.402   9.019   1.00 67.92 ? 196 ARG A NE  1 
ATOM   422 C  CZ  . ARG A 1 58 ? -11.275 0.789   9.069   1.00 71.88 ? 196 ARG A CZ  1 
ATOM   423 N  NH1 . ARG A 1 58 ? -11.742 1.807   8.329   1.00 73.67 ? 196 ARG A NH1 1 
ATOM   424 N  NH2 . ARG A 1 58 ? -12.116 0.137   9.876   1.00 73.10 ? 196 ARG A NH2 1 
ATOM   425 N  N   . GLN A 1 59 ? -6.973  3.160   4.242   1.00 42.52 ? 197 GLN A N   1 
ATOM   426 C  CA  . GLN A 1 59 ? -6.887  4.488   3.716   1.00 42.56 ? 197 GLN A CA  1 
ATOM   427 C  C   . GLN A 1 59 ? -7.191  4.545   2.237   1.00 43.08 ? 197 GLN A C   1 
ATOM   428 O  O   . GLN A 1 59 ? -8.070  5.277   1.822   1.00 43.68 ? 197 GLN A O   1 
ATOM   429 C  CB  . GLN A 1 59 ? -5.500  4.984   3.884   1.00 42.28 ? 197 GLN A CB  1 
ATOM   430 C  CG  . GLN A 1 59 ? -5.166  5.340   5.244   1.00 44.24 ? 197 GLN A CG  1 
ATOM   431 C  CD  . GLN A 1 59 ? -4.107  6.397   5.255   1.00 46.78 ? 197 GLN A CD  1 
ATOM   432 O  OE1 . GLN A 1 59 ? -4.246  7.466   4.623   1.00 46.94 ? 197 GLN A OE1 1 
ATOM   433 N  NE2 . GLN A 1 59 ? -3.035  6.122   5.970   1.00 49.14 ? 197 GLN A NE2 1 
ATOM   434 N  N   . LEU A 1 60 ? -6.457  3.806   1.425   1.00 43.07 ? 198 LEU A N   1 
ATOM   435 C  CA  . LEU A 1 60 ? -6.730  3.806   0.017   1.00 43.68 ? 198 LEU A CA  1 
ATOM   436 C  C   . LEU A 1 60 ? -8.207  3.610   -0.297  1.00 44.65 ? 198 LEU A C   1 
ATOM   437 O  O   . LEU A 1 60 ? -8.753  4.372   -1.064  1.00 45.78 ? 198 LEU A O   1 
ATOM   438 C  CB  . LEU A 1 60 ? -5.942  2.728   -0.670  1.00 43.89 ? 198 LEU A CB  1 
ATOM   439 C  CG  . LEU A 1 60 ? -4.640  2.985   -1.375  1.00 44.49 ? 198 LEU A CG  1 
ATOM   440 C  CD1 . LEU A 1 60 ? -4.745  2.097   -2.589  1.00 45.08 ? 198 LEU A CD1 1 
ATOM   441 C  CD2 . LEU A 1 60 ? -4.547  4.416   -1.797  1.00 45.91 ? 198 LEU A CD2 1 
ATOM   442 N  N   . ARG A 1 61 ? -8.835  2.597   0.246   1.00 44.96 ? 199 ARG A N   1 
ATOM   443 C  CA  . ARG A 1 61 ? -10.234 2.370   0.035   1.00 45.40 ? 199 ARG A CA  1 
ATOM   444 C  C   . ARG A 1 61 ? -10.992 3.617   0.407   1.00 44.70 ? 199 ARG A C   1 
ATOM   445 O  O   . ARG A 1 61 ? -11.978 3.950   -0.183  1.00 44.88 ? 199 ARG A O   1 
ATOM   446 C  CB  . ARG A 1 61 ? -10.686 1.221   0.922   1.00 46.13 ? 199 ARG A CB  1 
ATOM   447 C  CG  . ARG A 1 61 ? -11.463 0.097   0.251   1.00 50.24 ? 199 ARG A CG  1 
ATOM   448 C  CD  . ARG A 1 61 ? -11.126 -1.316  0.790   1.00 55.26 ? 199 ARG A CD  1 
ATOM   449 N  NE  . ARG A 1 61 ? -10.887 -1.350  2.232   1.00 58.51 ? 199 ARG A NE  1 
ATOM   450 C  CZ  . ARG A 1 61 ? -9.944  -2.066  2.822   1.00 58.15 ? 199 ARG A CZ  1 
ATOM   451 N  NH1 . ARG A 1 61 ? -9.157  -2.836  2.112   1.00 58.63 ? 199 ARG A NH1 1 
ATOM   452 N  NH2 . ARG A 1 61 ? -9.799  -2.009  4.123   1.00 57.54 ? 199 ARG A NH2 1 
ATOM   453 N  N   . GLY A 1 62 ? -10.525 4.317   1.409   1.00 44.17 ? 200 GLY A N   1 
ATOM   454 C  CA  . GLY A 1 62 ? -11.201 5.501   1.847   1.00 43.70 ? 200 GLY A CA  1 
ATOM   455 C  C   . GLY A 1 62 ? -11.170 6.605   0.838   1.00 44.08 ? 200 GLY A C   1 
ATOM   456 O  O   . GLY A 1 62 ? -11.941 7.494   0.921   1.00 44.43 ? 200 GLY A O   1 
HETATM 457 N  N   . MSE A 1 63 ? -10.271 6.546   -0.117  1.00 44.24 ? 201 MSE A N   1 
HETATM 458 C  CA  . MSE A 1 63 ? -10.133 7.586   -1.086  1.00 44.76 ? 201 MSE A CA  1 
HETATM 459 C  C   . MSE A 1 63 ? -10.943 7.297   -2.310  1.00 46.56 ? 201 MSE A C   1 
HETATM 460 O  O   . MSE A 1 63 ? -11.574 8.166   -2.828  1.00 47.02 ? 201 MSE A O   1 
HETATM 461 C  CB  . MSE A 1 63 ? -8.673  7.785   -1.463  1.00 20.00 ? 201 MSE A CB  1 
HETATM 462 C  CG  . MSE A 1 63 ? -7.775  8.154   -0.320  1.00 20.00 ? 201 MSE A CG  1 
HETATM 463 SE SE  . MSE A 1 63 ? -5.955  8.382   -0.762  1.00 20.00 ? 201 MSE A SE  1 
HETATM 464 C  CE  . MSE A 1 63 ? -5.320  8.702   0.941   1.00 20.00 ? 201 MSE A CE  1 
ATOM   465 N  N   . LEU A 1 64 ? -10.934 6.074   -2.777  1.00 48.44 ? 202 LEU A N   1 
ATOM   466 C  CA  . LEU A 1 64 ? -11.699 5.744   -3.937  1.00 50.74 ? 202 LEU A CA  1 
ATOM   467 C  C   . LEU A 1 64 ? -13.127 5.560   -3.606  1.00 52.18 ? 202 LEU A C   1 
ATOM   468 O  O   . LEU A 1 64 ? -13.868 5.039   -4.377  1.00 52.78 ? 202 LEU A O   1 
ATOM   469 C  CB  . LEU A 1 64 ? -11.213 4.469   -4.523  1.00 51.40 ? 202 LEU A CB  1 
ATOM   470 C  CG  . LEU A 1 64 ? -9.782  4.153   -4.198  1.00 54.53 ? 202 LEU A CG  1 
ATOM   471 C  CD1 . LEU A 1 64 ? -9.618  2.673   -4.269  1.00 56.81 ? 202 LEU A CD1 1 
ATOM   472 C  CD2 . LEU A 1 64 ? -8.900  4.829   -5.206  1.00 56.31 ? 202 LEU A CD2 1 
ATOM   473 N  N   . GLU A 1 65 ? -13.508 5.988   -2.434  1.00 54.12 ? 203 GLU A N   1 
ATOM   474 C  CA  . GLU A 1 65 ? -14.870 5.916   -2.005  1.00 56.17 ? 203 GLU A CA  1 
ATOM   475 C  C   . GLU A 1 65 ? -15.381 7.318   -2.130  1.00 56.85 ? 203 GLU A C   1 
ATOM   476 O  O   . GLU A 1 65 ? -16.455 7.546   -2.630  1.00 56.70 ? 203 GLU A O   1 
ATOM   477 C  CB  . GLU A 1 65 ? -14.905 5.489   -0.548  1.00 57.06 ? 203 GLU A CB  1 
ATOM   478 C  CG  . GLU A 1 65 ? -15.761 4.277   -0.208  1.00 59.15 ? 203 GLU A CG  1 
ATOM   479 C  CD  . GLU A 1 65 ? -15.754 3.969   1.269   1.00 61.27 ? 203 GLU A CD  1 
ATOM   480 O  OE1 . GLU A 1 65 ? -15.920 4.893   2.071   1.00 60.48 ? 203 GLU A OE1 1 
ATOM   481 O  OE2 . GLU A 1 65 ? -15.578 2.800   1.627   1.00 63.15 ? 203 GLU A OE2 1 
ATOM   482 N  N   . ASP A 1 66 ? -14.575 8.250   -1.644  1.00 57.89 ? 204 ASP A N   1 
ATOM   483 C  CA  . ASP A 1 66 ? -14.696 9.701   -1.909  1.00 58.74 ? 204 ASP A CA  1 
ATOM   484 C  C   . ASP A 1 66 ? -14.781 10.029  -3.405  1.00 59.44 ? 204 ASP A C   1 
ATOM   485 O  O   . ASP A 1 66 ? -15.423 11.009  -3.800  1.00 59.41 ? 204 ASP A O   1 
ATOM   486 C  CB  . ASP A 1 66 ? -13.468 10.454  -1.392  1.00 58.83 ? 204 ASP A CB  1 
ATOM   487 C  CG  . ASP A 1 66 ? -13.371 10.513  0.128   1.00 59.15 ? 204 ASP A CG  1 
ATOM   488 O  OD1 . ASP A 1 66 ? -14.399 10.367  0.813   1.00 59.86 ? 204 ASP A OD1 1 
ATOM   489 O  OD2 . ASP A 1 66 ? -12.235 10.745  0.630   1.00 59.39 ? 204 ASP A OD2 1 
ATOM   490 N  N   . TYR A 1 67 ? -14.087 9.222   -4.210  1.00 60.22 ? 205 TYR A N   1 
ATOM   491 C  CA  . TYR A 1 67 ? -14.125 9.254   -5.662  1.00 61.16 ? 205 TYR A CA  1 
ATOM   492 C  C   . TYR A 1 67 ? -15.326 8.393   -6.077  1.00 62.73 ? 205 TYR A C   1 
ATOM   493 O  O   . TYR A 1 67 ? -15.214 7.391   -6.791  1.00 63.32 ? 205 TYR A O   1 
ATOM   494 C  CB  . TYR A 1 67 ? -12.806 8.695   -6.153  1.00 60.47 ? 205 TYR A CB  1 
ATOM   495 C  CG  . TYR A 1 67 ? -12.409 8.906   -7.590  1.00 60.86 ? 205 TYR A CG  1 
ATOM   496 C  CD1 . TYR A 1 67 ? -13.337 8.984   -8.615  1.00 62.31 ? 205 TYR A CD1 1 
ATOM   497 C  CD2 . TYR A 1 67 ? -11.071 8.960   -7.932  1.00 62.16 ? 205 TYR A CD2 1 
ATOM   498 C  CE1 . TYR A 1 67 ? -12.932 9.141   -9.954  1.00 62.52 ? 205 TYR A CE1 1 
ATOM   499 C  CE2 . TYR A 1 67 ? -10.661 9.119   -9.252  1.00 62.48 ? 205 TYR A CE2 1 
ATOM   500 C  CZ  . TYR A 1 67 ? -11.588 9.219   -10.255 1.00 62.59 ? 205 TYR A CZ  1 
ATOM   501 O  OH  . TYR A 1 67 ? -11.144 9.365   -11.557 1.00 65.00 ? 205 TYR A OH  1 
ATOM   502 N  N   . ALA A 1 68 ? -16.469 8.779   -5.519  1.00 64.68 ? 206 ALA A N   1 
ATOM   503 C  CA  . ALA A 1 68 ? -17.826 8.352   -5.871  1.00 65.73 ? 206 ALA A CA  1 
ATOM   504 C  C   . ALA A 1 68 ? -18.631 9.611   -5.537  1.00 66.70 ? 206 ALA A C   1 
ATOM   505 O  O   . ALA A 1 68 ? -19.221 9.748   -4.444  1.00 65.94 ? 206 ALA A O   1 
ATOM   506 C  CB  . ALA A 1 68 ? -18.255 7.204   -5.042  1.00 65.93 ? 206 ALA A CB  1 
ATOM   507 N  N   . ARG A 1 69 ? -18.561 10.529  -6.513  1.00 68.19 ? 207 ARG A N   1 
ATOM   508 C  CA  . ARG A 1 69 ? -18.901 11.975  -6.458  1.00 69.37 ? 207 ARG A CA  1 
ATOM   509 C  C   . ARG A 1 69 ? -19.819 12.488  -5.327  1.00 70.02 ? 207 ARG A C   1 
ATOM   510 O  O   . ARG A 1 69 ? -20.935 11.984  -5.114  1.00 70.90 ? 207 ARG A O   1 
ATOM   511 C  CB  . ARG A 1 69 ? -19.326 12.509  -7.861  1.00 69.05 ? 207 ARG A CB  1 
ATOM   512 C  CG  . ARG A 1 69 ? -19.720 11.435  -8.914  1.00 70.05 ? 207 ARG A CG  1 
ATOM   513 C  CD  . ARG A 1 69 ? -18.603 10.398  -9.196  1.00 69.91 ? 207 ARG A CD  1 
ATOM   514 N  NE  . ARG A 1 69 ? -17.930 10.584  -10.481 1.00 72.30 ? 207 ARG A NE  1 
ATOM   515 C  CZ  . ARG A 1 69 ? -16.607 10.489  -10.662 1.00 73.08 ? 207 ARG A CZ  1 
ATOM   516 N  NH1 . ARG A 1 69 ? -15.814 10.246  -9.629  1.00 73.81 ? 207 ARG A NH1 1 
ATOM   517 N  NH2 . ARG A 1 69 ? -16.061 10.656  -11.866 1.00 73.32 ? 207 ARG A NH2 1 
HETATM 518 O  O   . HOH B 2 .  ? 13.262  -12.174 -0.864  1.00 49.80 ? 301 HOH A O   1 
HETATM 519 O  O   . HOH B 2 .  ? 5.345   11.269  3.296   1.00 48.50 ? 302 HOH A O   1 
HETATM 520 O  O   . HOH B 2 .  ? -0.605  13.643  -3.682  1.00 48.63 ? 303 HOH A O   1 
HETATM 521 O  O   . HOH B 2 .  ? 5.487   9.380   5.995   1.00 49.78 ? 304 HOH A O   1 
HETATM 522 O  O   . HOH B 2 .  ? 9.423   -0.363  -10.926 1.00 49.90 ? 305 HOH A O   1 
HETATM 523 O  O   . HOH B 2 .  ? 12.469  -10.984 -5.891  1.00 66.81 ? 306 HOH A O   1 
HETATM 524 O  O   . HOH B 2 .  ? 9.224   -12.511 8.927   1.00 35.62 ? 307 HOH A O   1 
HETATM 525 O  O   . HOH B 2 .  ? 16.538  -4.459  4.067   1.00 58.48 ? 308 HOH A O   1 
HETATM 526 O  O   . HOH B 2 .  ? 4.807   8.803   -6.145  1.00 54.18 ? 309 HOH A O   1 
HETATM 527 O  O   . HOH B 2 .  ? 13.417  -9.497  7.508   1.00 40.61 ? 310 HOH A O   1 
HETATM 528 O  O   . HOH B 2 .  ? 7.534   -9.476  -8.651  1.00 58.73 ? 311 HOH A O   1 
# 
